data_4W1V
#
_entry.id   4W1V
#
_cell.length_a   63.039
_cell.length_b   66.237
_cell.length_c   204.239
_cell.angle_alpha   90.000
_cell.angle_beta   90.000
_cell.angle_gamma   90.000
#
_symmetry.space_group_name_H-M   'P 21 21 21'
#
loop_
_entity.id
_entity.type
_entity.pdbx_description
1 polymer 'Adenosylmethionine-8-amino-7-oxononanoate aminotransferase'
2 non-polymer "PYRIDOXAL-5'-PHOSPHATE"
3 non-polymer 'dimethyl (2R)-5-(3-fluorophenyl)-1H-pyrrolo[1,2-c][1,3]thiazole-6,7-dicarboxylate 2-oxide'
4 non-polymer DI(HYDROXYETHYL)ETHER
5 non-polymer 1,2-ETHANEDIOL
6 non-polymer 'CHLORIDE ION'
7 water water
#
_entity_poly.entity_id   1
_entity_poly.type   'polypeptide(L)'
_entity_poly.pdbx_seq_one_letter_code
;GLTPEQIIAVDGAHLWHPYSSIGREAVSPVVAVAAHGAWLTLIRDGQPIEVLDAMSSWWTAIHGHGHPALDQALTTQLRV
MNHVMFGGLTHEPAARLAKLLVDITPAGLDTVFFSDSGSVSVEVAAKMALQYWRGRGLPGKRRLMTWRGGYHGDTFLAMS
ICDPHGGMHSLWTDVLAAQVFAPQVPRDYDPAYSAAFEAQLAQHAGELAAVVVEPVVQGAGGMRFHDPRYLHDLRDICRR
YEVLLIFDEIATGFGRTGALFAADHAGVSPDIMCVGKALTGGYLSLAATLCTADVAHTISAGAAGALMHGPTFMANPLAC
AVSVASVELLLGQDWRTRITELAAGLTAGLDTARALPAVTDVRVCGAIGVIECDRPVDLAVATPAALDRGVWLRPFRNLV
YAMPPYICTPAEITQITSAMVEVARLVGS
;
_entity_poly.pdbx_strand_id   A,B
#
loop_
_chem_comp.id
_chem_comp.type
_chem_comp.name
_chem_comp.formula
3GS non-polymer 'dimethyl (2R)-5-(3-fluorophenyl)-1H-pyrrolo[1,2-c][1,3]thiazole-6,7-dicarboxylate 2-oxide' 'C16 H14 F N O5 S'
CL non-polymer 'CHLORIDE ION' 'Cl -1'
EDO non-polymer 1,2-ETHANEDIOL 'C2 H6 O2'
PEG non-polymer DI(HYDROXYETHYL)ETHER 'C4 H10 O3'
PLP non-polymer PYRIDOXAL-5'-PHOSPHATE 'C8 H10 N O6 P'
#
# COMPACT_ATOMS: atom_id res chain seq x y z
N LEU A 2 -13.29 15.11 -19.51
CA LEU A 2 -14.40 14.16 -19.82
C LEU A 2 -15.69 14.62 -19.17
N THR A 3 -16.81 14.44 -19.88
CA THR A 3 -18.13 14.73 -19.31
C THR A 3 -18.52 13.65 -18.30
N PRO A 4 -19.51 13.93 -17.41
CA PRO A 4 -20.00 12.92 -16.47
C PRO A 4 -20.42 11.62 -17.15
N GLU A 5 -21.12 11.73 -18.28
CA GLU A 5 -21.59 10.55 -19.02
C GLU A 5 -20.41 9.76 -19.59
N GLN A 6 -19.38 10.47 -20.05
CA GLN A 6 -18.16 9.85 -20.55
C GLN A 6 -17.44 9.10 -19.43
N ILE A 7 -17.45 9.70 -18.23
CA ILE A 7 -16.82 9.12 -17.06
C ILE A 7 -17.51 7.82 -16.72
N ILE A 8 -18.85 7.87 -16.72
CA ILE A 8 -19.69 6.71 -16.45
C ILE A 8 -19.41 5.57 -17.43
N ALA A 9 -19.27 5.88 -18.72
CA ALA A 9 -19.09 4.88 -19.78
C ALA A 9 -17.72 4.21 -19.67
N VAL A 10 -16.68 5.03 -19.48
CA VAL A 10 -15.33 4.52 -19.23
C VAL A 10 -15.33 3.66 -17.96
N ASP A 11 -15.98 4.17 -16.92
CA ASP A 11 -15.99 3.49 -15.64
C ASP A 11 -16.62 2.10 -15.72
N GLY A 12 -17.78 2.00 -16.38
CA GLY A 12 -18.46 0.72 -16.55
C GLY A 12 -17.64 -0.28 -17.37
N ALA A 13 -16.89 0.22 -18.35
CA ALA A 13 -16.10 -0.66 -19.19
C ALA A 13 -14.74 -1.05 -18.55
N HIS A 14 -14.10 -0.14 -17.82
CA HIS A 14 -12.70 -0.33 -17.39
C HIS A 14 -12.35 -0.30 -15.93
N LEU A 15 -13.20 0.22 -15.07
CA LEU A 15 -12.82 0.39 -13.66
C LEU A 15 -13.41 -0.64 -12.71
N TRP A 16 -12.54 -1.37 -12.01
CA TRP A 16 -12.94 -2.16 -10.86
C TRP A 16 -13.17 -1.25 -9.69
N HIS A 17 -14.23 -1.51 -8.93
CA HIS A 17 -14.50 -0.79 -7.68
C HIS A 17 -14.26 -1.72 -6.50
N PRO A 18 -14.22 -1.17 -5.26
CA PRO A 18 -13.96 -2.03 -4.08
C PRO A 18 -15.04 -3.09 -3.94
N TYR A 19 -14.63 -4.36 -3.78
CA TYR A 19 -15.60 -5.44 -3.54
C TYR A 19 -16.77 -5.51 -4.54
N SER A 20 -16.44 -5.31 -5.82
CA SER A 20 -17.46 -5.23 -6.85
C SER A 20 -17.13 -6.13 -8.03
N SER A 21 -18.01 -6.10 -9.02
CA SER A 21 -17.85 -6.89 -10.21
C SER A 21 -17.51 -5.96 -11.38
N ILE A 22 -17.27 -6.54 -12.55
CA ILE A 22 -17.29 -5.80 -13.82
C ILE A 22 -18.51 -6.31 -14.58
N GLY A 23 -19.38 -5.39 -15.03
CA GLY A 23 -20.63 -5.76 -15.72
C GLY A 23 -21.82 -6.11 -14.84
N ARG A 24 -21.61 -6.14 -13.52
CA ARG A 24 -22.58 -6.58 -12.49
C ARG A 24 -23.64 -7.58 -12.99
N SER A 28 -24.54 1.24 -10.41
CA SER A 28 -23.88 2.31 -11.15
C SER A 28 -23.40 3.44 -10.22
N PRO A 29 -22.08 3.72 -10.23
CA PRO A 29 -21.50 4.74 -9.34
C PRO A 29 -21.88 6.16 -9.73
N VAL A 30 -21.94 7.04 -8.73
CA VAL A 30 -22.29 8.44 -8.94
C VAL A 30 -20.99 9.22 -9.19
N VAL A 31 -20.95 10.05 -10.25
CA VAL A 31 -19.76 10.87 -10.53
C VAL A 31 -19.56 11.95 -9.46
N ALA A 32 -18.34 12.03 -8.89
CA ALA A 32 -17.95 13.09 -7.97
C ALA A 32 -17.05 14.08 -8.70
N VAL A 33 -17.38 15.36 -8.63
CA VAL A 33 -16.62 16.38 -9.37
C VAL A 33 -15.86 17.36 -8.49
N ALA A 34 -16.23 17.46 -7.22
CA ALA A 34 -15.58 18.39 -6.29
C ALA A 34 -15.83 17.96 -4.86
N ALA A 35 -14.93 18.37 -3.96
CA ALA A 35 -15.09 18.19 -2.54
C ALA A 35 -14.46 19.37 -1.82
N HIS A 36 -15.23 20.00 -0.94
CA HIS A 36 -14.78 21.16 -0.16
C HIS A 36 -15.39 21.12 1.21
N GLY A 37 -14.53 21.18 2.23
CA GLY A 37 -14.98 21.05 3.61
C GLY A 37 -15.68 19.72 3.80
N ALA A 38 -16.87 19.76 4.39
CA ALA A 38 -17.65 18.57 4.69
C ALA A 38 -18.62 18.19 3.57
N TRP A 39 -18.43 18.75 2.38
CA TRP A 39 -19.39 18.66 1.29
C TRP A 39 -18.78 18.12 0.03
N LEU A 40 -19.53 17.28 -0.67
CA LEU A 40 -19.17 16.75 -1.98
C LEU A 40 -20.09 17.32 -3.04
N THR A 41 -19.56 17.55 -4.23
CA THR A 41 -20.37 17.93 -5.39
C THR A 41 -20.50 16.69 -6.27
N LEU A 42 -21.73 16.19 -6.36
CA LEU A 42 -22.02 14.97 -7.10
C LEU A 42 -22.91 15.29 -8.30
N ILE A 43 -22.74 14.53 -9.38
CA ILE A 43 -23.57 14.69 -10.55
C ILE A 43 -24.78 13.77 -10.48
N ARG A 44 -25.96 14.36 -10.32
CA ARG A 44 -27.20 13.61 -10.29
C ARG A 44 -28.19 14.14 -11.32
N ASP A 45 -28.68 13.21 -12.16
CA ASP A 45 -29.49 13.54 -13.36
C ASP A 45 -28.85 14.66 -14.19
N GLY A 46 -27.54 14.58 -14.38
CA GLY A 46 -26.79 15.60 -15.13
C GLY A 46 -26.63 16.93 -14.41
N GLN A 47 -27.18 17.04 -13.20
CA GLN A 47 -27.09 18.26 -12.40
C GLN A 47 -26.17 18.10 -11.18
N PRO A 48 -25.28 19.08 -10.96
CA PRO A 48 -24.45 19.04 -9.76
C PRO A 48 -25.27 19.29 -8.49
N ILE A 49 -24.96 18.57 -7.41
CA ILE A 49 -25.60 18.80 -6.11
C ILE A 49 -24.56 18.75 -4.99
N GLU A 50 -24.77 19.58 -3.97
CA GLU A 50 -23.96 19.58 -2.75
C GLU A 50 -24.54 18.57 -1.77
N VAL A 51 -23.73 17.61 -1.32
CA VAL A 51 -24.15 16.65 -0.28
C VAL A 51 -23.11 16.52 0.84
N LEU A 52 -23.57 16.33 2.07
CA LEU A 52 -22.65 16.14 3.19
C LEU A 52 -21.90 14.80 3.07
N ASP A 53 -20.59 14.86 3.24
CA ASP A 53 -19.79 13.64 3.26
C ASP A 53 -19.92 12.97 4.63
N ALA A 54 -21.06 12.33 4.87
CA ALA A 54 -21.34 11.70 6.16
C ALA A 54 -20.41 10.53 6.48
N MET A 55 -19.80 9.96 5.46
CA MET A 55 -18.91 8.81 5.62
C MET A 55 -17.46 9.23 5.85
N SER A 56 -17.16 10.52 5.69
CA SER A 56 -15.78 11.01 5.73
C SER A 56 -14.92 10.37 4.65
N SER A 57 -15.55 10.00 3.53
CA SER A 57 -14.83 9.38 2.42
C SER A 57 -14.12 8.15 2.93
N TRP A 58 -14.90 7.29 3.56
CA TRP A 58 -14.46 6.08 4.22
C TRP A 58 -13.53 6.33 5.40
N TRP A 59 -14.02 7.04 6.41
N TRP A 59 -14.07 7.05 6.38
CA TRP A 59 -13.30 7.27 7.68
CA TRP A 59 -13.41 7.35 7.64
C TRP A 59 -12.15 8.25 7.56
C TRP A 59 -12.05 8.01 7.48
N THR A 60 -11.85 8.70 6.36
CA THR A 60 -10.59 9.40 6.07
C THR A 60 -10.55 10.93 6.32
N ALA A 61 -11.59 11.65 5.92
CA ALA A 61 -11.56 13.12 5.89
C ALA A 61 -11.93 13.79 7.22
N ILE A 62 -11.09 13.60 8.24
CA ILE A 62 -11.41 14.12 9.56
C ILE A 62 -11.52 15.65 9.63
N HIS A 63 -10.72 16.36 8.84
CA HIS A 63 -10.74 17.82 8.81
C HIS A 63 -11.50 18.34 7.61
N GLY A 64 -12.29 17.48 6.97
CA GLY A 64 -12.94 17.81 5.73
C GLY A 64 -11.94 17.91 4.59
N HIS A 65 -12.46 18.15 3.39
CA HIS A 65 -11.65 18.20 2.20
C HIS A 65 -11.18 19.62 1.98
N GLY A 66 -10.03 19.79 1.33
CA GLY A 66 -9.58 21.12 0.93
C GLY A 66 -9.37 22.07 2.10
N HIS A 67 -8.95 21.53 3.25
CA HIS A 67 -8.59 22.36 4.39
C HIS A 67 -7.36 23.16 4.05
N PRO A 68 -7.41 24.50 4.21
CA PRO A 68 -6.30 25.34 3.78
C PRO A 68 -4.97 24.99 4.42
N ALA A 69 -4.95 24.52 5.66
CA ALA A 69 -3.67 24.20 6.30
C ALA A 69 -3.09 22.92 5.67
N LEU A 70 -3.95 22.01 5.24
CA LEU A 70 -3.48 20.77 4.62
C LEU A 70 -3.13 20.96 3.14
N ASP A 71 -3.97 21.70 2.39
CA ASP A 71 -3.57 22.17 1.06
C ASP A 71 -2.19 22.85 1.08
N GLN A 72 -2.00 23.84 1.96
CA GLN A 72 -0.73 24.58 2.01
C GLN A 72 0.45 23.63 2.25
N ALA A 73 0.32 22.75 3.25
CA ALA A 73 1.41 21.84 3.62
C ALA A 73 1.83 20.97 2.43
N LEU A 74 0.85 20.52 1.66
CA LEU A 74 1.11 19.76 0.45
C LEU A 74 1.87 20.56 -0.65
N THR A 75 1.38 21.76 -0.97
CA THR A 75 2.07 22.58 -2.00
C THR A 75 3.45 23.07 -1.52
N THR A 76 3.58 23.32 -0.21
CA THR A 76 4.85 23.75 0.37
C THR A 76 5.90 22.66 0.18
N GLN A 77 5.57 21.43 0.58
CA GLN A 77 6.48 20.32 0.40
C GLN A 77 6.79 20.04 -1.06
N LEU A 78 5.76 20.13 -1.91
CA LEU A 78 5.92 19.95 -3.34
C LEU A 78 6.94 20.93 -3.98
N ARG A 79 7.05 22.14 -3.44
CA ARG A 79 8.03 23.12 -3.94
C ARG A 79 9.46 22.66 -3.70
N VAL A 80 9.63 21.80 -2.69
CA VAL A 80 10.94 21.49 -2.18
C VAL A 80 11.40 20.08 -2.57
N MET A 81 10.56 19.07 -2.34
CA MET A 81 10.97 17.67 -2.58
C MET A 81 9.76 16.77 -2.59
N ASN A 82 9.38 16.30 -3.77
CA ASN A 82 8.24 15.40 -3.91
C ASN A 82 8.46 14.05 -3.20
N HIS A 83 9.63 13.45 -3.41
CA HIS A 83 9.96 12.13 -2.91
C HIS A 83 11.43 11.85 -3.10
N VAL A 84 12.03 11.14 -2.15
CA VAL A 84 13.36 10.52 -2.32
C VAL A 84 13.28 9.11 -1.75
N MET A 85 14.13 8.21 -2.22
CA MET A 85 14.13 6.82 -1.72
C MET A 85 14.55 6.81 -0.25
N PHE A 86 13.85 6.04 0.58
CA PHE A 86 14.17 6.03 2.00
C PHE A 86 15.32 5.07 2.32
N GLY A 87 15.90 4.46 1.29
CA GLY A 87 17.08 3.60 1.47
C GLY A 87 18.35 4.42 1.44
N GLY A 88 18.94 4.66 2.62
CA GLY A 88 20.19 5.43 2.72
C GLY A 88 19.98 6.92 2.91
N LEU A 89 18.74 7.37 2.81
CA LEU A 89 18.38 8.77 2.98
C LEU A 89 17.26 8.94 4.00
N THR A 90 17.23 10.10 4.63
CA THR A 90 16.16 10.45 5.55
C THR A 90 15.76 11.90 5.25
N HIS A 91 14.69 12.38 5.87
CA HIS A 91 14.22 13.75 5.58
C HIS A 91 13.35 14.31 6.67
N GLU A 92 13.08 15.61 6.58
CA GLU A 92 12.34 16.32 7.61
C GLU A 92 10.89 15.82 7.82
N PRO A 93 10.12 15.65 6.73
CA PRO A 93 8.75 15.16 6.94
C PRO A 93 8.69 13.81 7.65
N ALA A 94 9.56 12.87 7.30
CA ALA A 94 9.63 11.61 8.04
C ALA A 94 9.94 11.83 9.52
N ALA A 95 10.96 12.63 9.81
CA ALA A 95 11.42 12.86 11.18
C ALA A 95 10.35 13.58 12.01
N ARG A 96 9.78 14.65 11.47
CA ARG A 96 8.71 15.39 12.15
C ARG A 96 7.50 14.51 12.46
N LEU A 97 7.06 13.73 11.48
CA LEU A 97 5.92 12.85 11.69
C LEU A 97 6.24 11.71 12.66
N ALA A 98 7.45 11.15 12.57
CA ALA A 98 7.84 10.08 13.49
C ALA A 98 7.84 10.58 14.94
N LYS A 99 8.41 11.77 15.16
CA LYS A 99 8.47 12.35 16.50
C LYS A 99 7.07 12.60 17.06
N LEU A 100 6.21 13.20 16.24
CA LEU A 100 4.78 13.37 16.56
C LEU A 100 4.10 12.07 17.00
N LEU A 101 4.23 11.03 16.17
CA LEU A 101 3.53 9.77 16.41
C LEU A 101 4.01 9.09 17.67
N VAL A 102 5.32 9.07 17.88
CA VAL A 102 5.89 8.51 19.11
C VAL A 102 5.36 9.24 20.37
N ASP A 103 5.25 10.56 20.28
CA ASP A 103 4.81 11.42 21.39
CA ASP A 103 4.81 11.39 21.41
C ASP A 103 3.34 11.22 21.80
N ILE A 104 2.45 11.09 20.81
CA ILE A 104 0.99 11.03 21.09
C ILE A 104 0.37 9.63 21.17
N THR A 105 1.09 8.61 20.72
CA THR A 105 0.59 7.24 20.80
C THR A 105 0.79 6.70 22.21
N PRO A 106 0.10 5.59 22.57
CA PRO A 106 0.29 5.01 23.92
C PRO A 106 1.75 4.81 24.27
N ALA A 107 2.10 4.93 25.55
CA ALA A 107 3.51 4.99 25.98
C ALA A 107 4.31 3.74 25.62
N GLY A 108 5.58 3.91 25.25
CA GLY A 108 6.43 2.79 24.92
C GLY A 108 6.55 2.52 23.43
N LEU A 109 5.67 3.12 22.64
CA LEU A 109 5.76 2.96 21.19
C LEU A 109 6.76 3.96 20.63
N ASP A 110 8.01 3.52 20.50
CA ASP A 110 9.15 4.40 20.24
C ASP A 110 9.68 4.39 18.83
N THR A 111 9.29 3.41 18.03
CA THR A 111 9.81 3.31 16.68
C THR A 111 8.70 3.26 15.63
N VAL A 112 9.00 3.76 14.44
CA VAL A 112 7.98 4.00 13.42
C VAL A 112 8.40 3.44 12.06
N PHE A 113 7.56 2.54 11.52
CA PHE A 113 7.75 2.00 10.18
C PHE A 113 6.62 2.49 9.28
N PHE A 114 6.96 3.30 8.28
CA PHE A 114 5.96 3.81 7.34
C PHE A 114 5.71 2.86 6.17
N SER A 115 4.46 2.78 5.74
CA SER A 115 4.08 2.02 4.55
C SER A 115 2.95 2.77 3.86
N ASP A 116 2.34 2.17 2.84
CA ASP A 116 1.41 2.91 1.96
C ASP A 116 -0.05 2.63 2.20
N SER A 117 -0.34 1.69 3.08
CA SER A 117 -1.73 1.29 3.29
C SER A 117 -1.92 0.51 4.58
N GLY A 118 -3.13 0.55 5.10
CA GLY A 118 -3.47 -0.16 6.32
C GLY A 118 -3.17 -1.65 6.25
N SER A 119 -3.59 -2.29 5.15
CA SER A 119 -3.34 -3.73 5.01
C SER A 119 -1.86 -4.05 5.12
N VAL A 120 -1.04 -3.26 4.43
CA VAL A 120 0.41 -3.43 4.46
C VAL A 120 0.97 -3.22 5.88
N SER A 121 0.46 -2.21 6.59
CA SER A 121 0.93 -1.91 7.95
C SER A 121 0.65 -3.07 8.92
N VAL A 122 -0.42 -3.81 8.63
CA VAL A 122 -0.79 -4.97 9.42
C VAL A 122 0.14 -6.15 9.12
N GLU A 123 0.49 -6.33 7.84
CA GLU A 123 1.46 -7.35 7.44
C GLU A 123 2.81 -7.04 8.06
N VAL A 124 3.15 -5.76 8.15
CA VAL A 124 4.37 -5.32 8.80
C VAL A 124 4.34 -5.67 10.31
N ALA A 125 3.20 -5.42 10.96
CA ALA A 125 2.99 -5.73 12.39
C ALA A 125 3.17 -7.22 12.69
N ALA A 126 2.59 -8.06 11.81
CA ALA A 126 2.70 -9.50 11.92
C ALA A 126 4.15 -9.92 11.68
N LYS A 127 4.80 -9.30 10.71
CA LYS A 127 6.22 -9.55 10.48
C LYS A 127 7.08 -9.21 11.70
N MET A 128 6.83 -8.06 12.33
CA MET A 128 7.55 -7.67 13.55
C MET A 128 7.44 -8.73 14.64
N ALA A 129 6.22 -9.26 14.80
CA ALA A 129 5.92 -10.23 15.83
C ALA A 129 6.66 -11.53 15.54
N LEU A 130 6.65 -11.97 14.29
CA LEU A 130 7.28 -13.23 13.94
C LEU A 130 8.80 -13.13 14.05
N GLN A 131 9.38 -12.07 13.51
CA GLN A 131 10.81 -11.84 13.66
C GLN A 131 11.24 -11.66 15.11
N TYR A 132 10.40 -11.00 15.90
CA TYR A 132 10.70 -10.83 17.32
C TYR A 132 10.92 -12.19 17.99
N TRP A 133 9.96 -13.10 17.84
CA TRP A 133 10.08 -14.40 18.47
C TRP A 133 11.18 -15.24 17.90
N ARG A 134 11.50 -15.03 16.62
CA ARG A 134 12.62 -15.72 16.01
C ARG A 134 13.91 -15.18 16.61
N GLY A 135 13.96 -13.87 16.82
CA GLY A 135 15.03 -13.27 17.60
C GLY A 135 15.20 -13.79 19.03
N ARG A 136 14.13 -14.35 19.60
CA ARG A 136 14.17 -14.90 20.97
C ARG A 136 14.43 -16.42 20.98
N GLY A 137 14.70 -16.99 19.82
CA GLY A 137 14.90 -18.44 19.72
C GLY A 137 13.62 -19.29 19.74
N LEU A 138 12.47 -18.63 19.54
CA LEU A 138 11.18 -19.32 19.64
C LEU A 138 10.38 -19.21 18.34
N PRO A 139 10.86 -19.86 17.25
CA PRO A 139 10.19 -19.73 15.95
C PRO A 139 8.85 -20.45 15.89
N GLY A 140 8.58 -21.32 16.85
CA GLY A 140 7.29 -21.98 16.97
C GLY A 140 6.17 -20.97 17.22
N LYS A 141 6.54 -19.82 17.75
CA LYS A 141 5.57 -18.78 18.04
C LYS A 141 5.28 -18.01 16.75
N ARG A 142 4.33 -18.52 15.98
CA ARG A 142 4.07 -17.98 14.65
C ARG A 142 2.59 -17.82 14.27
N ARG A 143 1.67 -18.30 15.08
CA ARG A 143 0.27 -18.08 14.80
C ARG A 143 -0.22 -16.76 15.43
N LEU A 144 -1.42 -16.35 15.04
CA LEU A 144 -2.03 -15.13 15.54
C LEU A 144 -3.37 -15.50 16.16
N MET A 145 -3.79 -14.73 17.16
CA MET A 145 -5.08 -14.94 17.82
C MET A 145 -5.83 -13.62 17.79
N THR A 146 -7.13 -13.74 17.58
CA THR A 146 -7.99 -12.57 17.62
C THR A 146 -9.35 -13.06 18.10
N TRP A 147 -10.28 -12.12 18.29
CA TRP A 147 -11.69 -12.44 18.50
C TRP A 147 -12.44 -12.23 17.22
N ARG A 148 -13.67 -12.74 17.14
CA ARG A 148 -14.47 -12.62 15.94
C ARG A 148 -15.02 -11.21 15.76
N GLY A 149 -15.56 -10.94 14.57
CA GLY A 149 -16.08 -9.62 14.23
C GLY A 149 -15.04 -8.63 13.71
N GLY A 150 -13.80 -9.07 13.60
CA GLY A 150 -12.70 -8.16 13.26
C GLY A 150 -12.50 -7.92 11.76
N TYR A 151 -11.78 -6.85 11.44
CA TYR A 151 -11.30 -6.61 10.09
C TYR A 151 -9.89 -6.05 10.18
N HIS A 152 -8.98 -6.56 9.35
CA HIS A 152 -7.58 -6.11 9.41
C HIS A 152 -6.91 -5.85 8.09
N GLY A 153 -7.68 -5.88 7.01
CA GLY A 153 -7.14 -5.64 5.69
C GLY A 153 -7.45 -6.74 4.69
N ASP A 154 -7.02 -6.53 3.44
CA ASP A 154 -7.40 -7.32 2.27
C ASP A 154 -6.28 -8.18 1.73
N THR A 155 -5.03 -7.88 2.12
CA THR A 155 -3.92 -8.75 1.72
C THR A 155 -4.05 -10.08 2.47
N PHE A 156 -3.39 -11.12 1.98
CA PHE A 156 -3.64 -12.50 2.42
C PHE A 156 -3.33 -12.82 3.90
N LEU A 157 -2.26 -12.25 4.46
CA LEU A 157 -2.02 -12.42 5.89
C LEU A 157 -3.11 -11.68 6.67
N ALA A 158 -3.33 -10.40 6.34
CA ALA A 158 -4.40 -9.60 6.92
C ALA A 158 -5.74 -10.34 6.94
N MET A 159 -6.09 -10.97 5.80
CA MET A 159 -7.36 -11.67 5.66
C MET A 159 -7.51 -12.77 6.72
N SER A 160 -6.41 -13.45 7.06
CA SER A 160 -6.42 -14.60 7.97
C SER A 160 -6.94 -14.31 9.38
N ILE A 161 -6.88 -13.04 9.79
CA ILE A 161 -7.43 -12.59 11.08
C ILE A 161 -8.73 -11.76 10.94
N CYS A 162 -9.24 -11.61 9.72
CA CYS A 162 -10.57 -11.07 9.49
CA CYS A 162 -10.55 -11.04 9.55
C CYS A 162 -11.59 -12.07 10.04
N ASP A 163 -12.77 -11.59 10.43
CA ASP A 163 -13.86 -12.50 10.86
C ASP A 163 -14.08 -13.56 9.79
N PRO A 164 -14.09 -14.86 10.17
CA PRO A 164 -14.21 -15.92 9.15
C PRO A 164 -15.48 -15.86 8.28
N HIS A 165 -16.59 -15.36 8.85
CA HIS A 165 -17.82 -15.14 8.06
C HIS A 165 -17.79 -13.82 7.34
N GLY A 166 -17.43 -12.75 8.05
CA GLY A 166 -17.22 -11.43 7.45
C GLY A 166 -16.38 -11.44 6.19
N GLY A 167 -15.11 -11.82 6.29
CA GLY A 167 -14.24 -11.95 5.11
C GLY A 167 -14.38 -13.27 4.36
N MET A 168 -15.54 -13.92 4.52
CA MET A 168 -15.85 -15.25 3.97
C MET A 168 -14.62 -16.13 3.68
N HIS A 169 -14.16 -16.82 4.71
CA HIS A 169 -12.92 -17.61 4.70
C HIS A 169 -12.97 -18.88 3.87
N SER A 170 -14.16 -19.17 3.37
CA SER A 170 -14.33 -19.91 2.12
C SER A 170 -15.11 -18.90 1.28
N LEU A 171 -14.70 -18.64 0.04
CA LEU A 171 -13.82 -19.48 -0.78
C LEU A 171 -12.29 -19.32 -0.64
N TRP A 172 -11.79 -19.20 0.59
CA TRP A 172 -10.34 -19.16 0.82
C TRP A 172 -9.86 -20.32 1.67
N THR A 173 -10.50 -21.48 1.46
CA THR A 173 -10.30 -22.68 2.28
C THR A 173 -8.84 -23.03 2.62
N ASP A 174 -8.13 -23.66 1.68
CA ASP A 174 -6.77 -24.13 1.92
C ASP A 174 -5.74 -23.10 1.43
N VAL A 175 -6.08 -21.83 1.62
CA VAL A 175 -5.29 -20.70 1.11
C VAL A 175 -4.79 -19.79 2.23
N LEU A 176 -5.66 -19.50 3.21
CA LEU A 176 -5.32 -18.63 4.33
C LEU A 176 -4.60 -19.38 5.44
N ALA A 177 -3.71 -18.68 6.14
CA ALA A 177 -3.16 -19.19 7.39
C ALA A 177 -4.29 -19.48 8.37
N ALA A 178 -4.13 -20.56 9.12
CA ALA A 178 -5.12 -21.01 10.10
C ALA A 178 -4.82 -20.36 11.43
N GLN A 179 -5.64 -19.36 11.82
CA GLN A 179 -5.37 -18.58 13.02
C GLN A 179 -6.31 -18.97 14.17
N VAL A 180 -6.09 -18.42 15.35
CA VAL A 180 -6.95 -18.73 16.52
C VAL A 180 -8.02 -17.67 16.74
N PHE A 181 -9.27 -18.10 16.75
CA PHE A 181 -10.42 -17.20 17.00
C PHE A 181 -11.15 -17.48 18.31
N ALA A 182 -11.21 -16.46 19.15
CA ALA A 182 -12.13 -16.43 20.27
C ALA A 182 -13.50 -15.92 19.80
N PRO A 183 -14.57 -16.20 20.56
CA PRO A 183 -15.91 -15.74 20.14
C PRO A 183 -16.03 -14.21 20.02
N GLN A 184 -17.08 -13.73 19.38
CA GLN A 184 -17.39 -12.30 19.34
C GLN A 184 -17.25 -11.65 20.74
N VAL A 185 -16.46 -10.58 20.84
CA VAL A 185 -16.38 -9.82 22.11
C VAL A 185 -17.71 -9.07 22.34
N PRO A 186 -18.39 -9.34 23.46
CA PRO A 186 -19.68 -8.67 23.66
C PRO A 186 -19.57 -7.16 23.93
N ARG A 187 -20.69 -6.45 23.84
CA ARG A 187 -20.69 -5.03 24.14
C ARG A 187 -20.42 -4.75 25.61
N ASP A 188 -21.11 -5.46 26.49
CA ASP A 188 -20.98 -5.20 27.92
C ASP A 188 -19.87 -6.02 28.54
N TYR A 189 -19.25 -5.47 29.58
CA TYR A 189 -18.18 -6.20 30.24
C TYR A 189 -18.68 -7.48 30.89
N ASP A 190 -17.99 -8.57 30.63
CA ASP A 190 -18.32 -9.86 31.20
C ASP A 190 -17.02 -10.57 31.56
N PRO A 191 -16.72 -10.68 32.85
CA PRO A 191 -15.46 -11.34 33.30
C PRO A 191 -15.29 -12.73 32.71
N ALA A 192 -16.41 -13.44 32.51
CA ALA A 192 -16.42 -14.79 31.98
C ALA A 192 -15.90 -14.88 30.54
N TYR A 193 -16.13 -13.83 29.75
CA TYR A 193 -15.59 -13.76 28.39
C TYR A 193 -14.06 -13.73 28.45
N SER A 194 -13.51 -12.84 29.27
CA SER A 194 -12.05 -12.71 29.42
C SER A 194 -11.39 -13.97 29.98
N ALA A 195 -12.03 -14.61 30.96
CA ALA A 195 -11.54 -15.86 31.52
C ALA A 195 -11.47 -16.95 30.43
N ALA A 196 -12.50 -17.01 29.58
CA ALA A 196 -12.50 -17.98 28.47
C ALA A 196 -11.44 -17.61 27.41
N PHE A 197 -11.23 -16.32 27.21
CA PHE A 197 -10.19 -15.87 26.29
C PHE A 197 -8.85 -16.38 26.75
N GLU A 198 -8.58 -16.21 28.04
CA GLU A 198 -7.33 -16.64 28.63
C GLU A 198 -7.13 -18.14 28.51
N ALA A 199 -8.18 -18.91 28.79
CA ALA A 199 -8.09 -20.38 28.78
C ALA A 199 -7.83 -20.94 27.38
N GLN A 200 -8.47 -20.34 26.38
CA GLN A 200 -8.21 -20.70 24.98
C GLN A 200 -6.81 -20.26 24.58
N LEU A 201 -6.44 -19.03 24.90
CA LEU A 201 -5.09 -18.57 24.60
C LEU A 201 -4.02 -19.48 25.24
N ALA A 202 -4.23 -19.84 26.51
CA ALA A 202 -3.33 -20.76 27.25
C ALA A 202 -3.03 -22.04 26.48
N GLN A 203 -4.04 -22.56 25.76
CA GLN A 203 -3.87 -23.76 24.94
C GLN A 203 -2.93 -23.58 23.74
N HIS A 204 -2.63 -22.33 23.39
CA HIS A 204 -1.85 -22.02 22.17
C HIS A 204 -0.69 -21.10 22.43
N ALA A 205 -0.40 -20.82 23.69
CA ALA A 205 0.63 -19.83 24.04
C ALA A 205 1.97 -20.10 23.37
N GLY A 206 2.34 -21.39 23.30
CA GLY A 206 3.62 -21.81 22.74
C GLY A 206 3.68 -21.70 21.23
N GLU A 207 2.54 -21.55 20.58
CA GLU A 207 2.51 -21.32 19.11
C GLU A 207 2.01 -19.91 18.68
N LEU A 208 1.73 -19.04 19.65
CA LEU A 208 1.18 -17.71 19.33
C LEU A 208 2.22 -16.61 19.38
N ALA A 209 2.38 -15.91 18.27
CA ALA A 209 3.26 -14.75 18.24
C ALA A 209 2.58 -13.53 18.84
N ALA A 210 1.26 -13.41 18.61
CA ALA A 210 0.52 -12.20 18.99
C ALA A 210 -1.01 -12.34 19.03
N VAL A 211 -1.65 -11.49 19.82
CA VAL A 211 -3.07 -11.23 19.76
C VAL A 211 -3.19 -9.92 18.98
N VAL A 212 -4.02 -9.89 17.95
CA VAL A 212 -4.28 -8.69 17.16
C VAL A 212 -5.78 -8.40 17.26
N VAL A 213 -6.15 -7.19 17.69
CA VAL A 213 -7.55 -6.79 17.77
C VAL A 213 -7.69 -5.31 17.44
N GLU A 214 -8.87 -4.92 16.96
CA GLU A 214 -9.25 -3.51 16.90
C GLU A 214 -9.74 -3.11 18.30
N PRO A 215 -9.14 -2.07 18.89
CA PRO A 215 -9.55 -1.66 20.24
C PRO A 215 -10.83 -0.82 20.29
N VAL A 216 -11.76 -1.21 21.17
CA VAL A 216 -13.03 -0.49 21.47
C VAL A 216 -14.07 -0.54 20.35
N VAL A 217 -13.70 -0.12 19.14
CA VAL A 217 -14.62 -0.19 17.99
C VAL A 217 -14.12 -1.17 16.91
N GLN A 218 -14.98 -2.10 16.51
CA GLN A 218 -14.69 -2.97 15.36
C GLN A 218 -15.40 -2.36 14.16
N GLY A 219 -14.64 -2.01 13.12
CA GLY A 219 -15.16 -1.19 12.02
C GLY A 219 -15.84 -1.95 10.91
N ALA A 220 -15.05 -2.34 9.92
CA ALA A 220 -15.58 -2.97 8.71
C ALA A 220 -16.20 -4.32 8.99
N GLY A 221 -15.92 -4.88 10.17
CA GLY A 221 -16.53 -6.14 10.60
C GLY A 221 -17.96 -6.04 11.13
N GLY A 222 -18.46 -4.81 11.32
CA GLY A 222 -19.86 -4.61 11.72
C GLY A 222 -20.12 -3.50 12.73
N MET A 223 -19.23 -2.51 12.80
CA MET A 223 -19.45 -1.32 13.63
C MET A 223 -19.95 -1.69 15.03
N ARG A 224 -19.26 -2.63 15.67
CA ARG A 224 -19.60 -3.02 17.02
C ARG A 224 -18.70 -2.28 18.00
N PHE A 225 -19.25 -1.96 19.17
CA PHE A 225 -18.46 -1.42 20.26
C PHE A 225 -18.31 -2.49 21.37
N HIS A 226 -17.16 -2.48 22.04
CA HIS A 226 -17.01 -3.27 23.27
C HIS A 226 -16.45 -2.46 24.41
N ASP A 227 -16.66 -2.94 25.64
CA ASP A 227 -16.18 -2.27 26.83
C ASP A 227 -14.66 -2.23 26.89
N PRO A 228 -14.06 -1.03 27.08
CA PRO A 228 -12.60 -0.88 27.06
C PRO A 228 -11.84 -1.74 28.09
N ARG A 229 -12.54 -2.20 29.14
CA ARG A 229 -11.94 -3.10 30.14
C ARG A 229 -11.45 -4.43 29.59
N TYR A 230 -12.08 -4.95 28.53
CA TYR A 230 -11.52 -6.10 27.83
C TYR A 230 -10.08 -5.86 27.36
N LEU A 231 -9.75 -4.61 27.04
CA LEU A 231 -8.41 -4.29 26.58
C LEU A 231 -7.41 -4.41 27.73
N HIS A 232 -7.87 -4.03 28.93
CA HIS A 232 -7.06 -4.18 30.14
C HIS A 232 -6.77 -5.64 30.37
N ASP A 233 -7.78 -6.48 30.19
CA ASP A 233 -7.63 -7.94 30.31
C ASP A 233 -6.69 -8.49 29.25
N LEU A 234 -6.87 -8.05 28.00
CA LEU A 234 -5.99 -8.51 26.93
C LEU A 234 -4.53 -8.21 27.25
N ARG A 235 -4.26 -7.01 27.74
CA ARG A 235 -2.91 -6.63 28.13
C ARG A 235 -2.31 -7.55 29.22
N ASP A 236 -3.12 -7.83 30.25
CA ASP A 236 -2.72 -8.69 31.35
C ASP A 236 -2.47 -10.15 30.88
N ILE A 237 -3.40 -10.69 30.11
CA ILE A 237 -3.22 -12.03 29.55
C ILE A 237 -1.92 -12.12 28.73
N CYS A 238 -1.73 -11.16 27.81
CA CYS A 238 -0.57 -11.16 26.92
C CYS A 238 0.73 -11.04 27.68
N ARG A 239 0.70 -10.27 28.76
CA ARG A 239 1.87 -10.13 29.62
C ARG A 239 2.19 -11.48 30.26
N ARG A 240 1.19 -12.10 30.88
CA ARG A 240 1.40 -13.29 31.70
C ARG A 240 1.78 -14.49 30.86
N TYR A 241 1.30 -14.53 29.62
CA TYR A 241 1.57 -15.66 28.73
C TYR A 241 2.63 -15.41 27.68
N GLU A 242 3.19 -14.21 27.68
CA GLU A 242 4.26 -13.84 26.76
C GLU A 242 3.83 -14.00 25.30
N VAL A 243 2.77 -13.27 24.99
CA VAL A 243 2.26 -13.13 23.64
C VAL A 243 2.25 -11.61 23.41
N LEU A 244 2.67 -11.16 22.24
CA LEU A 244 2.66 -9.71 21.98
C LEU A 244 1.22 -9.29 21.75
N LEU A 245 0.89 -8.05 22.11
CA LEU A 245 -0.41 -7.48 21.86
C LEU A 245 -0.30 -6.41 20.76
N ILE A 246 -1.11 -6.58 19.71
CA ILE A 246 -1.13 -5.67 18.56
C ILE A 246 -2.49 -4.99 18.48
N PHE A 247 -2.49 -3.66 18.47
CA PHE A 247 -3.74 -2.90 18.31
C PHE A 247 -3.82 -2.34 16.90
N ASP A 248 -4.85 -2.73 16.17
CA ASP A 248 -5.10 -2.18 14.85
C ASP A 248 -5.96 -0.93 15.04
N GLU A 249 -5.33 0.25 15.00
CA GLU A 249 -6.07 1.50 15.16
C GLU A 249 -6.24 2.27 13.84
N ILE A 250 -6.23 1.54 12.73
CA ILE A 250 -6.34 2.13 11.38
C ILE A 250 -7.67 2.89 11.22
N ALA A 251 -8.73 2.42 11.88
CA ALA A 251 -10.03 3.11 11.86
C ALA A 251 -10.27 3.98 13.09
N THR A 252 -9.73 3.56 14.24
CA THR A 252 -10.05 4.20 15.52
C THR A 252 -9.18 5.42 15.83
N GLY A 253 -8.03 5.53 15.15
CA GLY A 253 -7.04 6.55 15.47
C GLY A 253 -7.46 7.99 15.27
N PHE A 254 -6.72 8.88 15.92
CA PHE A 254 -6.88 10.33 15.71
C PHE A 254 -8.25 10.88 16.10
N GLY A 255 -8.68 10.52 17.31
CA GLY A 255 -9.88 11.09 17.92
C GLY A 255 -11.24 10.49 17.60
N ARG A 256 -11.32 9.64 16.57
CA ARG A 256 -12.60 9.13 16.08
C ARG A 256 -13.52 8.48 17.14
N THR A 257 -12.95 7.90 18.18
CA THR A 257 -13.78 7.24 19.21
C THR A 257 -13.98 8.10 20.45
N GLY A 258 -13.61 9.37 20.39
CA GLY A 258 -13.73 10.22 21.56
C GLY A 258 -12.45 10.29 22.36
N ALA A 259 -11.52 9.36 22.11
CA ALA A 259 -10.17 9.45 22.68
C ALA A 259 -9.20 9.60 21.52
N LEU A 260 -7.99 10.09 21.80
CA LEU A 260 -7.01 10.32 20.73
C LEU A 260 -6.74 9.02 19.96
N PHE A 261 -6.46 7.96 20.72
CA PHE A 261 -6.43 6.59 20.22
C PHE A 261 -7.35 5.75 21.07
N ALA A 262 -7.98 4.74 20.49
CA ALA A 262 -8.99 3.98 21.24
C ALA A 262 -8.38 3.26 22.44
N ALA A 263 -7.12 2.82 22.31
CA ALA A 263 -6.36 2.26 23.45
C ALA A 263 -6.42 3.14 24.70
N ASP A 264 -6.50 4.46 24.51
CA ASP A 264 -6.53 5.43 25.61
C ASP A 264 -7.73 5.27 26.53
N HIS A 265 -8.85 4.76 26.01
CA HIS A 265 -10.05 4.52 26.81
C HIS A 265 -9.77 3.53 27.90
N ALA A 266 -8.71 2.74 27.72
CA ALA A 266 -8.32 1.70 28.67
C ALA A 266 -7.00 1.99 29.37
N GLY A 267 -6.26 3.00 28.92
CA GLY A 267 -4.94 3.29 29.47
C GLY A 267 -3.87 2.28 29.07
N VAL A 268 -4.21 1.43 28.08
CA VAL A 268 -3.33 0.32 27.65
C VAL A 268 -2.35 0.69 26.51
N SER A 269 -1.11 0.23 26.67
CA SER A 269 -0.11 0.33 25.61
C SER A 269 0.07 -1.05 24.98
N PRO A 270 -0.19 -1.17 23.66
CA PRO A 270 0.08 -2.43 22.99
C PRO A 270 1.58 -2.53 22.73
N ASP A 271 2.04 -3.72 22.34
CA ASP A 271 3.45 -3.88 21.94
C ASP A 271 3.70 -3.33 20.56
N ILE A 272 2.64 -3.34 19.74
CA ILE A 272 2.70 -2.98 18.31
C ILE A 272 1.37 -2.31 17.98
N MET A 273 1.43 -1.27 17.15
CA MET A 273 0.25 -0.51 16.77
C MET A 273 0.23 -0.09 15.29
N CYS A 274 -0.93 -0.25 14.65
CA CYS A 274 -1.15 0.20 13.27
C CYS A 274 -2.10 1.39 13.20
N VAL A 275 -1.73 2.36 12.37
CA VAL A 275 -2.58 3.50 12.03
C VAL A 275 -2.59 3.71 10.51
N GLY A 276 -3.59 4.46 10.03
CA GLY A 276 -3.76 4.73 8.60
C GLY A 276 -5.02 5.57 8.46
N LYS A 277 -5.74 5.40 7.37
CA LYS A 277 -7.01 6.13 7.11
C LYS A 277 -6.99 7.63 7.40
N ALA A 278 -7.09 8.02 8.68
CA ALA A 278 -7.19 9.45 9.02
C ALA A 278 -5.82 10.08 9.17
N LEU A 279 -4.78 9.28 8.96
CA LEU A 279 -3.40 9.70 9.15
C LEU A 279 -3.08 10.96 8.36
N THR A 280 -3.45 10.97 7.09
CA THR A 280 -3.19 12.13 6.20
C THR A 280 -4.39 13.06 6.11
N GLY A 281 -5.36 12.88 7.00
CA GLY A 281 -6.62 13.60 6.90
C GLY A 281 -7.34 13.30 5.60
N GLY A 282 -7.01 12.16 4.98
CA GLY A 282 -7.74 11.68 3.81
C GLY A 282 -7.32 12.28 2.50
N TYR A 283 -6.12 12.85 2.46
CA TYR A 283 -5.57 13.40 1.22
C TYR A 283 -4.89 12.32 0.36
N LEU A 284 -4.08 11.50 1.00
CA LEU A 284 -3.14 10.62 0.31
C LEU A 284 -3.01 9.36 1.13
N SER A 285 -2.63 8.27 0.47
CA SER A 285 -2.46 7.04 1.20
C SER A 285 -1.17 7.07 2.03
N LEU A 286 -1.31 6.70 3.30
CA LEU A 286 -0.16 6.49 4.18
C LEU A 286 -0.60 5.63 5.35
N ALA A 287 0.31 4.83 5.88
CA ALA A 287 0.05 4.10 7.12
C ALA A 287 1.32 4.02 7.94
N ALA A 288 1.20 3.58 9.18
CA ALA A 288 2.39 3.43 10.04
C ALA A 288 2.21 2.28 10.99
N THR A 289 3.31 1.58 11.25
CA THR A 289 3.33 0.53 12.24
C THR A 289 4.37 0.91 13.25
N LEU A 290 3.96 1.01 14.51
CA LEU A 290 4.86 1.35 15.59
C LEU A 290 5.09 0.16 16.50
N CYS A 291 6.30 0.04 17.06
CA CYS A 291 6.57 -0.99 18.06
C CYS A 291 7.47 -0.46 19.18
N THR A 292 7.54 -1.20 20.28
CA THR A 292 8.41 -0.84 21.39
C THR A 292 9.89 -0.95 21.02
N ALA A 293 10.73 -0.30 21.83
CA ALA A 293 12.19 -0.40 21.70
C ALA A 293 12.64 -1.86 21.81
N ASP A 294 12.07 -2.57 22.78
CA ASP A 294 12.38 -3.97 22.99
C ASP A 294 12.12 -4.83 21.74
N VAL A 295 10.93 -4.69 21.15
CA VAL A 295 10.61 -5.37 19.88
C VAL A 295 11.62 -5.00 18.80
N ALA A 296 11.88 -3.71 18.64
CA ALA A 296 12.84 -3.22 17.66
C ALA A 296 14.25 -3.79 17.85
N HIS A 297 14.75 -3.76 19.09
CA HIS A 297 16.08 -4.26 19.41
C HIS A 297 16.18 -5.77 19.25
N THR A 298 15.11 -6.49 19.57
CA THR A 298 15.13 -7.95 19.43
C THR A 298 15.12 -8.38 17.96
N ILE A 299 14.37 -7.69 17.13
CA ILE A 299 14.41 -7.91 15.69
C ILE A 299 15.83 -7.62 15.18
N SER A 300 16.37 -6.46 15.57
CA SER A 300 17.65 -5.98 15.04
C SER A 300 18.87 -6.84 15.44
N ALA A 301 18.76 -7.54 16.56
CA ALA A 301 19.86 -8.39 17.04
C ALA A 301 19.68 -9.83 16.61
N GLY A 302 18.62 -10.10 15.85
CA GLY A 302 18.32 -11.44 15.37
C GLY A 302 19.15 -11.84 14.15
N ALA A 303 18.91 -13.07 13.68
CA ALA A 303 19.63 -13.65 12.54
C ALA A 303 19.65 -12.73 11.30
N ALA A 304 18.55 -12.03 11.07
CA ALA A 304 18.39 -11.19 9.89
C ALA A 304 19.13 -9.87 10.03
N GLY A 305 19.30 -9.42 11.26
CA GLY A 305 19.86 -8.09 11.55
C GLY A 305 18.96 -6.91 11.16
N ALA A 306 17.69 -7.18 10.85
CA ALA A 306 16.81 -6.17 10.27
C ALA A 306 15.37 -6.68 10.10
N LEU A 307 14.44 -5.74 10.04
CA LEU A 307 13.07 -6.04 9.67
C LEU A 307 13.04 -6.17 8.15
N MET A 308 12.66 -7.36 7.69
CA MET A 308 12.75 -7.69 6.28
C MET A 308 11.52 -7.17 5.53
N HIS A 309 11.40 -5.86 5.47
CA HIS A 309 10.29 -5.17 4.80
C HIS A 309 10.74 -3.80 4.42
N GLY A 310 10.20 -3.28 3.31
CA GLY A 310 10.59 -1.95 2.82
C GLY A 310 9.86 -1.56 1.54
N PRO A 311 8.69 -0.91 1.68
CA PRO A 311 7.93 -0.52 0.51
C PRO A 311 8.65 0.56 -0.27
N THR A 312 8.56 0.49 -1.60
CA THR A 312 9.22 1.43 -2.49
C THR A 312 8.97 2.90 -2.15
N PHE A 313 7.71 3.27 -1.91
CA PHE A 313 7.39 4.65 -1.54
C PHE A 313 7.42 4.96 -0.04
N MET A 314 8.10 4.11 0.73
CA MET A 314 8.23 4.27 2.16
C MET A 314 8.51 5.72 2.59
N ALA A 315 7.74 6.21 3.56
CA ALA A 315 7.96 7.52 4.17
C ALA A 315 7.91 8.68 3.15
N ASN A 316 7.05 8.56 2.15
CA ASN A 316 6.93 9.56 1.08
C ASN A 316 6.77 10.96 1.68
N PRO A 317 7.67 11.88 1.31
CA PRO A 317 7.66 13.27 1.79
C PRO A 317 6.32 13.96 1.68
N LEU A 318 5.67 13.86 0.52
CA LEU A 318 4.39 14.54 0.33
C LEU A 318 3.32 14.01 1.31
N ALA A 319 3.21 12.69 1.44
CA ALA A 319 2.26 12.10 2.38
C ALA A 319 2.57 12.46 3.83
N CYS A 320 3.86 12.38 4.19
CA CYS A 320 4.29 12.68 5.56
C CYS A 320 4.01 14.16 5.90
N ALA A 321 4.26 15.05 4.93
CA ALA A 321 4.02 16.48 5.13
C ALA A 321 2.56 16.80 5.43
N VAL A 322 1.64 16.32 4.62
CA VAL A 322 0.24 16.58 4.89
C VAL A 322 -0.20 15.94 6.22
N SER A 323 0.34 14.77 6.55
CA SER A 323 0.02 14.08 7.81
CA SER A 323 0.00 14.09 7.81
C SER A 323 0.45 14.89 9.05
N VAL A 324 1.68 15.40 9.02
CA VAL A 324 2.20 16.30 10.04
C VAL A 324 1.17 17.41 10.27
N ALA A 325 0.78 18.08 9.20
CA ALA A 325 -0.19 19.17 9.28
C ALA A 325 -1.55 18.68 9.80
N SER A 326 -2.04 17.55 9.31
CA SER A 326 -3.29 16.95 9.82
C SER A 326 -3.23 16.66 11.32
N VAL A 327 -2.14 16.02 11.76
CA VAL A 327 -1.95 15.74 13.20
C VAL A 327 -1.83 17.04 14.03
N GLU A 328 -0.99 17.98 13.60
CA GLU A 328 -0.85 19.26 14.29
C GLU A 328 -2.16 20.04 14.35
N LEU A 329 -2.91 20.07 13.24
CA LEU A 329 -4.23 20.65 13.24
C LEU A 329 -5.16 20.00 14.29
N LEU A 330 -5.01 18.69 14.50
CA LEU A 330 -5.86 18.00 15.47
C LEU A 330 -5.46 18.37 16.89
N LEU A 331 -4.15 18.38 17.12
CA LEU A 331 -3.61 18.58 18.45
C LEU A 331 -3.73 20.02 18.91
N GLY A 332 -3.64 20.95 17.96
CA GLY A 332 -3.61 22.37 18.26
C GLY A 332 -4.99 22.95 18.51
N GLN A 333 -6.03 22.11 18.46
CA GLN A 333 -7.40 22.54 18.77
C GLN A 333 -7.92 21.72 19.97
N ASP A 334 -9.05 22.13 20.55
CA ASP A 334 -9.68 21.34 21.62
C ASP A 334 -10.47 20.17 21.01
N TRP A 335 -9.77 19.16 20.52
CA TRP A 335 -10.41 18.08 19.78
C TRP A 335 -11.37 17.26 20.63
N ARG A 336 -11.09 17.13 21.93
CA ARG A 336 -11.95 16.32 22.81
C ARG A 336 -13.37 16.89 22.94
N THR A 337 -13.46 18.21 23.12
CA THR A 337 -14.76 18.86 23.22
C THR A 337 -15.46 18.80 21.89
N ARG A 338 -14.69 18.89 20.80
CA ARG A 338 -15.24 18.79 19.45
C ARG A 338 -15.92 17.44 19.25
N ILE A 339 -15.21 16.37 19.60
CA ILE A 339 -15.73 15.01 19.41
C ILE A 339 -16.91 14.75 20.34
N THR A 340 -16.81 15.21 21.58
CA THR A 340 -17.91 15.08 22.55
C THR A 340 -19.20 15.74 22.02
N GLU A 341 -19.08 16.94 21.45
CA GLU A 341 -20.25 17.65 20.94
C GLU A 341 -20.88 16.93 19.74
N LEU A 342 -20.01 16.36 18.92
CA LEU A 342 -20.39 15.56 17.78
C LEU A 342 -21.16 14.31 18.19
N ALA A 343 -20.65 13.60 19.20
CA ALA A 343 -21.33 12.42 19.74
C ALA A 343 -22.72 12.76 20.29
N ALA A 344 -22.83 13.89 21.01
CA ALA A 344 -24.14 14.31 21.56
C ALA A 344 -25.09 14.68 20.43
N GLY A 345 -24.57 15.32 19.39
CA GLY A 345 -25.36 15.60 18.18
C GLY A 345 -25.90 14.32 17.53
N LEU A 346 -25.01 13.36 17.27
CA LEU A 346 -25.38 12.04 16.74
C LEU A 346 -26.39 11.35 17.66
N THR A 347 -26.09 11.33 18.96
CA THR A 347 -26.98 10.70 19.95
C THR A 347 -28.40 11.28 19.90
N ALA A 348 -28.48 12.62 19.90
CA ALA A 348 -29.78 13.29 19.94
C ALA A 348 -30.52 13.12 18.61
N GLY A 349 -29.76 13.25 17.52
CA GLY A 349 -30.32 13.13 16.17
C GLY A 349 -30.82 11.74 15.79
N LEU A 350 -30.29 10.69 16.44
CA LEU A 350 -30.63 9.30 16.09
C LEU A 350 -31.62 8.67 17.08
N ASP A 351 -31.94 9.40 18.14
CA ASP A 351 -32.86 8.89 19.17
C ASP A 351 -34.15 8.31 18.59
N THR A 352 -34.85 9.06 17.73
CA THR A 352 -36.16 8.60 17.24
C THR A 352 -36.09 7.31 16.43
N ALA A 353 -34.91 6.97 15.90
CA ALA A 353 -34.72 5.74 15.14
C ALA A 353 -34.99 4.48 15.97
N ARG A 354 -34.81 4.57 17.28
CA ARG A 354 -35.04 3.42 18.17
C ARG A 354 -36.47 2.90 18.11
N ALA A 355 -37.41 3.78 17.77
CA ALA A 355 -38.84 3.44 17.76
C ALA A 355 -39.29 2.89 16.42
N LEU A 356 -38.43 2.97 15.41
CA LEU A 356 -38.78 2.49 14.07
C LEU A 356 -38.85 0.96 14.03
N PRO A 357 -39.83 0.41 13.27
CA PRO A 357 -40.11 -1.03 13.30
C PRO A 357 -38.93 -1.92 12.88
N ALA A 358 -38.13 -1.47 11.91
CA ALA A 358 -37.03 -2.28 11.38
C ALA A 358 -35.68 -2.04 12.06
N VAL A 359 -35.68 -1.29 13.16
CA VAL A 359 -34.43 -0.94 13.84
C VAL A 359 -34.21 -1.79 15.08
N THR A 360 -33.06 -2.44 15.15
CA THR A 360 -32.77 -3.30 16.30
C THR A 360 -31.85 -2.62 17.34
N ASP A 361 -31.05 -1.66 16.91
CA ASP A 361 -30.16 -0.95 17.84
C ASP A 361 -29.74 0.41 17.31
N VAL A 362 -29.48 1.33 18.23
CA VAL A 362 -28.89 2.61 17.89
C VAL A 362 -27.74 2.82 18.87
N ARG A 363 -26.56 3.07 18.34
CA ARG A 363 -25.38 3.22 19.17
C ARG A 363 -24.45 4.31 18.65
N VAL A 364 -23.80 4.99 19.57
CA VAL A 364 -22.87 6.07 19.26
C VAL A 364 -21.58 5.90 20.06
N CYS A 365 -20.45 6.09 19.42
CA CYS A 365 -19.18 6.13 20.12
C CYS A 365 -18.30 7.19 19.47
N GLY A 366 -18.07 8.28 20.18
CA GLY A 366 -17.36 9.43 19.62
C GLY A 366 -18.08 9.91 18.37
N ALA A 367 -17.35 10.13 17.29
CA ALA A 367 -17.95 10.58 16.05
C ALA A 367 -18.33 9.39 15.17
N ILE A 368 -18.98 8.39 15.79
CA ILE A 368 -19.48 7.22 15.08
C ILE A 368 -20.94 6.98 15.49
N GLY A 369 -21.83 7.01 14.50
CA GLY A 369 -23.25 6.87 14.77
C GLY A 369 -23.81 5.73 13.95
N VAL A 370 -24.48 4.79 14.61
CA VAL A 370 -24.90 3.57 13.95
C VAL A 370 -26.36 3.26 14.22
N ILE A 371 -27.13 3.12 13.13
CA ILE A 371 -28.47 2.52 13.19
C ILE A 371 -28.37 1.07 12.68
N GLU A 372 -28.52 0.10 13.58
CA GLU A 372 -28.54 -1.31 13.19
C GLU A 372 -29.96 -1.77 12.87
N CYS A 373 -30.19 -2.21 11.63
CA CYS A 373 -31.52 -2.63 11.19
C CYS A 373 -31.69 -4.14 11.27
N ASP A 374 -32.91 -4.61 11.00
CA ASP A 374 -33.27 -6.02 11.11
C ASP A 374 -33.19 -6.80 9.79
N ARG A 375 -32.75 -6.14 8.72
CA ARG A 375 -32.54 -6.76 7.42
C ARG A 375 -31.38 -6.03 6.71
N PRO A 376 -30.76 -6.67 5.70
CA PRO A 376 -29.81 -5.96 4.85
C PRO A 376 -30.46 -4.74 4.19
N VAL A 377 -29.72 -3.63 4.18
CA VAL A 377 -30.19 -2.39 3.61
C VAL A 377 -29.95 -2.39 2.11
N ASP A 378 -31.02 -2.13 1.35
CA ASP A 378 -30.93 -2.09 -0.10
C ASP A 378 -30.32 -0.76 -0.53
N LEU A 379 -29.11 -0.81 -1.08
CA LEU A 379 -28.42 0.39 -1.54
C LEU A 379 -29.15 1.16 -2.63
N ALA A 380 -29.90 0.44 -3.46
CA ALA A 380 -30.65 1.07 -4.56
C ALA A 380 -31.77 1.95 -4.02
N VAL A 381 -32.21 1.67 -2.78
CA VAL A 381 -33.21 2.53 -2.11
C VAL A 381 -32.51 3.55 -1.20
N ALA A 382 -31.59 3.08 -0.37
CA ALA A 382 -30.95 3.92 0.64
C ALA A 382 -30.11 5.08 0.09
N THR A 383 -29.29 4.85 -0.94
CA THR A 383 -28.39 5.87 -1.44
C THR A 383 -29.14 7.08 -2.04
N PRO A 384 -30.04 6.85 -3.01
CA PRO A 384 -30.85 7.97 -3.52
C PRO A 384 -31.70 8.67 -2.47
N ALA A 385 -32.21 7.92 -1.49
CA ALA A 385 -32.99 8.54 -0.41
C ALA A 385 -32.15 9.56 0.40
N ALA A 386 -30.90 9.21 0.72
CA ALA A 386 -30.04 10.14 1.45
C ALA A 386 -29.56 11.29 0.55
N LEU A 387 -29.33 10.99 -0.72
CA LEU A 387 -29.04 12.04 -1.70
C LEU A 387 -30.17 13.05 -1.77
N ASP A 388 -31.42 12.56 -1.78
CA ASP A 388 -32.59 13.43 -1.73
C ASP A 388 -32.57 14.41 -0.55
N ARG A 389 -32.02 13.98 0.61
CA ARG A 389 -31.92 14.84 1.78
CA ARG A 389 -31.93 14.88 1.76
C ARG A 389 -30.57 15.58 1.82
N GLY A 390 -29.81 15.52 0.72
CA GLY A 390 -28.53 16.23 0.62
C GLY A 390 -27.39 15.66 1.45
N VAL A 391 -27.32 14.33 1.52
CA VAL A 391 -26.33 13.64 2.33
C VAL A 391 -25.79 12.45 1.56
N TRP A 392 -24.46 12.32 1.54
CA TRP A 392 -23.82 11.11 1.05
C TRP A 392 -23.74 10.08 2.15
N LEU A 393 -24.64 9.10 2.08
CA LEU A 393 -24.66 7.97 3.02
C LEU A 393 -24.56 6.67 2.26
N ARG A 394 -23.61 5.81 2.63
CA ARG A 394 -23.54 4.48 2.04
C ARG A 394 -23.67 3.41 3.13
N PRO A 395 -24.83 2.76 3.22
CA PRO A 395 -25.03 1.69 4.20
C PRO A 395 -24.18 0.46 3.91
N PHE A 396 -24.02 -0.39 4.92
CA PHE A 396 -23.21 -1.60 4.83
C PHE A 396 -23.94 -2.73 5.56
N ARG A 397 -24.29 -3.78 4.84
CA ARG A 397 -25.08 -4.89 5.36
C ARG A 397 -26.40 -4.37 5.96
N ASN A 398 -26.63 -4.59 7.25
CA ASN A 398 -27.84 -4.07 7.89
C ASN A 398 -27.61 -2.74 8.63
N LEU A 399 -26.55 -2.02 8.30
CA LEU A 399 -26.16 -0.86 9.09
C LEU A 399 -26.34 0.42 8.31
N VAL A 400 -27.03 1.38 8.92
CA VAL A 400 -27.08 2.74 8.41
C VAL A 400 -26.24 3.54 9.40
N TYR A 401 -25.06 3.94 8.96
CA TYR A 401 -24.09 4.52 9.89
C TYR A 401 -23.39 5.73 9.29
N ALA A 402 -22.75 6.51 10.17
CA ALA A 402 -22.03 7.67 9.71
C ALA A 402 -20.80 7.86 10.57
N MET A 403 -19.79 8.50 9.99
N MET A 403 -19.78 8.45 9.95
CA MET A 403 -18.61 8.92 10.73
CA MET A 403 -18.57 8.89 10.64
C MET A 403 -18.19 10.24 10.12
C MET A 403 -18.19 10.25 10.07
N PRO A 404 -18.92 11.32 10.49
CA PRO A 404 -18.79 12.66 9.89
C PRO A 404 -17.40 13.28 10.10
N PRO A 405 -16.99 14.21 9.20
CA PRO A 405 -15.80 15.03 9.48
C PRO A 405 -15.99 15.81 10.77
N TYR A 406 -14.88 16.07 11.46
CA TYR A 406 -14.93 16.75 12.76
C TYR A 406 -15.40 18.20 12.62
N ILE A 407 -15.23 18.77 11.44
CA ILE A 407 -15.59 20.17 11.18
C ILE A 407 -17.09 20.40 10.94
N CYS A 408 -17.89 19.34 11.05
CA CYS A 408 -19.32 19.45 10.81
C CYS A 408 -19.95 20.30 11.92
N THR A 409 -20.75 21.27 11.52
CA THR A 409 -21.49 22.10 12.48
C THR A 409 -22.58 21.24 13.12
N PRO A 410 -23.11 21.67 14.29
CA PRO A 410 -24.31 21.05 14.85
C PRO A 410 -25.48 20.89 13.86
N ALA A 411 -25.72 21.90 13.02
CA ALA A 411 -26.79 21.81 12.01
C ALA A 411 -26.53 20.71 11.00
N GLU A 412 -25.28 20.60 10.53
CA GLU A 412 -24.91 19.56 9.56
C GLU A 412 -25.08 18.14 10.10
N ILE A 413 -24.66 17.92 11.35
CA ILE A 413 -24.85 16.65 12.06
C ILE A 413 -26.32 16.27 12.16
N THR A 414 -27.15 17.26 12.44
CA THR A 414 -28.59 17.02 12.57
C THR A 414 -29.17 16.71 11.17
N GLN A 415 -28.62 17.33 10.14
CA GLN A 415 -29.03 17.01 8.77
C GLN A 415 -28.60 15.59 8.39
N ILE A 416 -27.39 15.22 8.76
CA ILE A 416 -26.92 13.84 8.57
C ILE A 416 -27.82 12.83 9.30
N THR A 417 -28.12 13.10 10.56
CA THR A 417 -28.87 12.13 11.36
C THR A 417 -30.30 11.99 10.82
N SER A 418 -30.91 13.13 10.44
CA SER A 418 -32.24 13.11 9.81
C SER A 418 -32.28 12.18 8.62
N ALA A 419 -31.30 12.31 7.74
CA ALA A 419 -31.24 11.49 6.55
C ALA A 419 -31.07 10.03 6.95
N MET A 420 -30.33 9.78 8.03
CA MET A 420 -30.13 8.41 8.53
C MET A 420 -31.44 7.83 9.06
N VAL A 421 -32.19 8.64 9.79
CA VAL A 421 -33.50 8.23 10.30
C VAL A 421 -34.44 7.90 9.14
N GLU A 422 -34.51 8.80 8.16
CA GLU A 422 -35.38 8.61 7.00
C GLU A 422 -34.98 7.39 6.16
N VAL A 423 -33.67 7.12 6.06
CA VAL A 423 -33.21 5.90 5.38
C VAL A 423 -33.71 4.68 6.16
N ALA A 424 -33.58 4.72 7.48
CA ALA A 424 -34.01 3.61 8.33
C ALA A 424 -35.52 3.38 8.26
N ARG A 425 -36.27 4.48 8.15
CA ARG A 425 -37.71 4.44 7.99
C ARG A 425 -38.09 3.69 6.70
N LEU A 426 -37.38 3.99 5.61
CA LEU A 426 -37.63 3.36 4.31
C LEU A 426 -37.36 1.85 4.27
N VAL A 427 -36.34 1.40 5.00
CA VAL A 427 -36.00 -0.03 5.08
C VAL A 427 -37.18 -0.79 5.68
N GLY A 428 -37.82 -0.20 6.69
CA GLY A 428 -38.99 -0.78 7.34
C GLY A 428 -40.29 -0.81 6.54
N SER A 429 -40.27 -0.26 5.32
CA SER A 429 -41.47 -0.19 4.47
C SER A 429 -41.14 -0.36 2.98
N GLY B 1 9.71 22.23 12.57
CA GLY B 1 11.05 22.67 12.06
C GLY B 1 12.17 21.89 12.72
N LEU B 2 12.98 21.22 11.91
CA LEU B 2 14.15 20.47 12.41
C LEU B 2 15.37 20.71 11.52
N THR B 3 16.52 20.93 12.14
CA THR B 3 17.81 21.01 11.44
C THR B 3 18.27 19.60 11.02
N PRO B 4 19.22 19.50 10.07
CA PRO B 4 19.84 18.22 9.74
C PRO B 4 20.30 17.35 10.94
N GLU B 5 20.93 17.95 11.94
CA GLU B 5 21.37 17.20 13.12
C GLU B 5 20.20 16.69 13.95
N GLN B 6 19.17 17.52 14.08
CA GLN B 6 17.95 17.14 14.77
C GLN B 6 17.24 15.99 14.03
N ILE B 7 17.26 16.07 12.70
CA ILE B 7 16.68 15.03 11.84
C ILE B 7 17.39 13.71 12.05
N ILE B 8 18.73 13.73 12.04
CA ILE B 8 19.55 12.53 12.25
C ILE B 8 19.27 11.91 13.61
N ALA B 9 19.11 12.75 14.63
CA ALA B 9 18.89 12.28 16.01
C ALA B 9 17.50 11.66 16.20
N VAL B 10 16.46 12.32 15.68
CA VAL B 10 15.10 11.78 15.67
C VAL B 10 15.07 10.45 14.91
N ASP B 11 15.70 10.45 13.73
CA ASP B 11 15.74 9.31 12.83
C ASP B 11 16.42 8.07 13.42
N GLY B 12 17.57 8.27 14.04
CA GLY B 12 18.30 7.16 14.68
C GLY B 12 17.51 6.55 15.82
N ALA B 13 16.77 7.37 16.53
CA ALA B 13 15.98 6.89 17.65
C ALA B 13 14.65 6.24 17.22
N HIS B 14 13.99 6.81 16.22
CA HIS B 14 12.58 6.49 15.96
C HIS B 14 12.19 5.94 14.59
N LEU B 15 13.06 6.05 13.59
CA LEU B 15 12.66 5.66 12.22
C LEU B 15 13.19 4.32 11.73
N TRP B 16 12.29 3.43 11.33
CA TRP B 16 12.71 2.29 10.50
C TRP B 16 13.00 2.74 9.08
N HIS B 17 13.96 2.08 8.45
CA HIS B 17 14.22 2.28 7.04
C HIS B 17 13.97 0.96 6.33
N PRO B 18 13.87 0.97 4.98
CA PRO B 18 13.70 -0.29 4.26
C PRO B 18 14.79 -1.29 4.63
N TYR B 19 14.41 -2.51 5.01
CA TYR B 19 15.35 -3.60 5.28
C TYR B 19 16.48 -3.18 6.24
N SER B 20 16.13 -2.57 7.35
CA SER B 20 17.12 -2.01 8.21
C SER B 20 16.86 -2.38 9.66
N SER B 21 17.74 -1.91 10.54
CA SER B 21 17.62 -2.18 11.96
C SER B 21 17.25 -0.86 12.66
N ILE B 22 16.98 -0.93 13.96
CA ILE B 22 17.00 0.24 14.82
C ILE B 22 18.22 0.10 15.72
N GLY B 23 19.09 1.11 15.74
CA GLY B 23 20.26 1.15 16.64
C GLY B 23 21.50 0.36 16.27
N ARG B 24 21.48 -0.31 15.11
CA ARG B 24 22.61 -1.13 14.63
C ARG B 24 23.01 -0.77 13.20
N GLU B 25 22.62 0.41 12.75
CA GLU B 25 22.97 0.86 11.40
C GLU B 25 24.44 1.20 11.34
N ALA B 26 25.15 0.51 10.44
CA ALA B 26 26.58 0.75 10.20
C ALA B 26 26.80 2.22 9.87
N VAL B 27 26.04 2.73 8.90
CA VAL B 27 26.13 4.14 8.57
C VAL B 27 24.80 4.84 8.78
N SER B 28 24.88 6.01 9.37
CA SER B 28 23.76 6.90 9.49
C SER B 28 23.27 7.27 8.05
N PRO B 29 21.93 7.40 7.85
CA PRO B 29 21.42 7.83 6.55
C PRO B 29 21.78 9.29 6.29
N VAL B 30 21.74 9.70 5.03
CA VAL B 30 22.05 11.07 4.65
C VAL B 30 20.77 11.89 4.55
N VAL B 31 20.76 13.07 5.15
CA VAL B 31 19.61 13.98 5.11
C VAL B 31 19.45 14.56 3.71
N ALA B 32 18.31 14.28 3.09
CA ALA B 32 17.92 14.93 1.83
C ALA B 32 17.09 16.17 2.17
N VAL B 33 17.36 17.28 1.51
CA VAL B 33 16.63 18.52 1.81
C VAL B 33 15.89 19.10 0.61
N ALA B 34 16.22 18.62 -0.59
CA ALA B 34 15.56 19.08 -1.83
C ALA B 34 15.69 18.06 -2.96
N ALA B 35 14.80 18.16 -3.94
CA ALA B 35 14.91 17.36 -5.17
C ALA B 35 14.30 18.13 -6.34
N HIS B 36 15.10 18.33 -7.37
CA HIS B 36 14.64 19.07 -8.55
C HIS B 36 15.28 18.46 -9.77
N GLY B 37 14.50 18.25 -10.82
CA GLY B 37 14.98 17.49 -12.00
C GLY B 37 15.65 16.18 -11.61
N ALA B 38 16.86 15.98 -12.11
CA ALA B 38 17.62 14.75 -11.88
C ALA B 38 18.54 14.83 -10.66
N TRP B 39 18.41 15.92 -9.90
CA TRP B 39 19.30 16.18 -8.77
C TRP B 39 18.59 16.19 -7.45
N LEU B 40 19.28 15.63 -6.46
CA LEU B 40 18.90 15.71 -5.07
C LEU B 40 19.87 16.67 -4.38
N THR B 41 19.38 17.40 -3.38
CA THR B 41 20.26 18.17 -2.53
C THR B 41 20.37 17.43 -1.20
N LEU B 42 21.61 17.11 -0.84
CA LEU B 42 21.90 16.28 0.33
C LEU B 42 22.92 16.95 1.24
N ILE B 43 22.83 16.66 2.53
CA ILE B 43 23.70 17.24 3.54
C ILE B 43 24.92 16.34 3.80
N ARG B 44 26.10 16.85 3.45
CA ARG B 44 27.37 16.18 3.67
C ARG B 44 28.24 17.17 4.42
N ASP B 45 28.83 16.76 5.53
CA ASP B 45 29.63 17.66 6.41
C ASP B 45 28.85 18.94 6.76
N GLY B 46 27.55 18.81 6.98
CA GLY B 46 26.69 19.96 7.27
C GLY B 46 26.37 20.86 6.10
N GLN B 47 26.82 20.51 4.89
CA GLN B 47 26.64 21.39 3.72
C GLN B 47 25.73 20.80 2.63
N PRO B 48 24.84 21.62 2.07
CA PRO B 48 23.96 21.19 0.99
C PRO B 48 24.75 21.00 -0.30
N ILE B 49 24.76 19.79 -0.86
CA ILE B 49 25.40 19.55 -2.15
C ILE B 49 24.41 18.89 -3.09
N GLU B 50 24.47 19.27 -4.37
CA GLU B 50 23.60 18.69 -5.37
C GLU B 50 24.27 17.50 -6.02
N VAL B 51 23.53 16.40 -6.11
CA VAL B 51 24.09 15.16 -6.65
C VAL B 51 23.03 14.51 -7.53
N LEU B 52 23.50 13.79 -8.55
CA LEU B 52 22.62 13.13 -9.50
C LEU B 52 21.87 11.93 -8.87
N ASP B 53 20.56 11.88 -9.11
CA ASP B 53 19.72 10.74 -8.69
C ASP B 53 19.88 9.61 -9.70
N ALA B 54 21.02 8.94 -9.66
CA ALA B 54 21.30 7.79 -10.53
C ALA B 54 20.26 6.66 -10.43
N MET B 55 19.59 6.56 -9.29
CA MET B 55 18.66 5.46 -9.01
C MET B 55 17.22 5.78 -9.39
N SER B 56 17.00 7.01 -9.86
CA SER B 56 15.63 7.54 -10.02
C SER B 56 14.80 7.37 -8.74
N SER B 57 15.44 7.51 -7.59
CA SER B 57 14.75 7.33 -6.32
C SER B 57 14.02 5.97 -6.30
N TRP B 58 14.79 4.92 -6.59
CA TRP B 58 14.31 3.54 -6.66
C TRP B 58 13.31 3.30 -7.77
N TRP B 59 13.72 3.66 -8.98
CA TRP B 59 12.96 3.47 -10.23
C TRP B 59 11.80 4.42 -10.47
N THR B 60 11.57 5.36 -9.56
CA THR B 60 10.29 6.08 -9.56
C THR B 60 10.28 7.37 -10.39
N ALA B 61 11.38 8.11 -10.32
CA ALA B 61 11.47 9.48 -10.86
C ALA B 61 11.84 9.54 -12.35
N ILE B 62 11.05 8.87 -13.19
CA ILE B 62 11.38 8.78 -14.63
C ILE B 62 11.51 10.14 -15.31
N HIS B 63 10.64 11.08 -14.94
CA HIS B 63 10.65 12.43 -15.51
C HIS B 63 11.43 13.38 -14.64
N GLY B 64 12.10 12.82 -13.62
CA GLY B 64 12.77 13.64 -12.61
C GLY B 64 11.82 14.27 -11.61
N HIS B 65 12.38 14.85 -10.55
CA HIS B 65 11.59 15.44 -9.48
C HIS B 65 11.16 16.81 -9.85
N GLY B 66 10.00 17.22 -9.34
CA GLY B 66 9.54 18.60 -9.50
C GLY B 66 9.38 19.04 -10.94
N HIS B 67 8.87 18.14 -11.78
CA HIS B 67 8.61 18.46 -13.16
C HIS B 67 7.37 19.33 -13.27
N PRO B 68 7.53 20.55 -13.85
CA PRO B 68 6.46 21.55 -13.96
C PRO B 68 5.10 20.97 -14.31
N ALA B 69 5.05 20.09 -15.30
CA ALA B 69 3.77 19.53 -15.74
C ALA B 69 3.16 18.59 -14.70
N LEU B 70 3.98 17.91 -13.92
CA LEU B 70 3.47 16.99 -12.90
C LEU B 70 3.09 17.77 -11.64
N ASP B 71 3.96 18.68 -11.24
CA ASP B 71 3.61 19.63 -10.18
C ASP B 71 2.24 20.27 -10.47
N GLN B 72 2.09 20.83 -11.67
CA GLN B 72 0.84 21.51 -12.03
C GLN B 72 -0.37 20.58 -11.97
N ALA B 73 -0.22 19.37 -12.52
CA ALA B 73 -1.31 18.39 -12.46
C ALA B 73 -1.77 18.20 -11.02
N LEU B 74 -0.80 18.04 -10.12
CA LEU B 74 -1.10 17.83 -8.70
C LEU B 74 -1.78 19.04 -8.04
N THR B 75 -1.24 20.24 -8.26
CA THR B 75 -1.84 21.45 -7.66
C THR B 75 -3.26 21.72 -8.22
N THR B 76 -3.46 21.46 -9.52
CA THR B 76 -4.78 21.64 -10.14
C THR B 76 -5.84 20.72 -9.51
N GLN B 77 -5.50 19.45 -9.35
CA GLN B 77 -6.45 18.50 -8.75
C GLN B 77 -6.76 18.87 -7.32
N LEU B 78 -5.75 19.35 -6.61
CA LEU B 78 -5.89 19.73 -5.20
C LEU B 78 -6.97 20.80 -4.99
N ARG B 79 -7.05 21.77 -5.90
CA ARG B 79 -8.03 22.85 -5.79
C ARG B 79 -9.46 22.39 -6.03
N VAL B 80 -9.60 21.23 -6.68
CA VAL B 80 -10.90 20.70 -7.08
C VAL B 80 -11.42 19.59 -6.17
N MET B 81 -10.60 18.58 -5.91
CA MET B 81 -11.03 17.39 -5.16
C MET B 81 -9.85 16.54 -4.75
N ASN B 82 -9.54 16.53 -3.45
CA ASN B 82 -8.39 15.76 -2.97
C ASN B 82 -8.63 14.26 -3.08
N HIS B 83 -9.79 13.81 -2.60
CA HIS B 83 -10.14 12.40 -2.49
C HIS B 83 -11.60 12.20 -2.18
N VAL B 84 -12.19 11.15 -2.75
CA VAL B 84 -13.52 10.64 -2.33
C VAL B 84 -13.43 9.12 -2.27
N MET B 85 -14.29 8.47 -1.48
CA MET B 85 -14.33 7.01 -1.44
C MET B 85 -14.71 6.47 -2.81
N PHE B 86 -14.05 5.39 -3.21
CA PHE B 86 -14.30 4.79 -4.52
C PHE B 86 -15.46 3.79 -4.46
N GLY B 87 -16.06 3.66 -3.28
CA GLY B 87 -17.26 2.85 -3.09
C GLY B 87 -18.51 3.66 -3.39
N GLY B 88 -19.09 3.43 -4.55
CA GLY B 88 -20.35 4.06 -4.94
C GLY B 88 -20.14 5.37 -5.70
N LEU B 89 -18.88 5.79 -5.79
CA LEU B 89 -18.48 6.99 -6.51
C LEU B 89 -17.40 6.71 -7.55
N THR B 90 -17.40 7.48 -8.63
CA THR B 90 -16.31 7.49 -9.55
C THR B 90 -15.93 8.93 -9.85
N HIS B 91 -14.83 9.12 -10.58
CA HIS B 91 -14.33 10.46 -10.85
C HIS B 91 -13.45 10.52 -12.08
N GLU B 92 -13.16 11.73 -12.52
CA GLU B 92 -12.45 11.97 -13.77
C GLU B 92 -11.00 11.45 -13.82
N PRO B 93 -10.19 11.72 -12.76
CA PRO B 93 -8.82 11.18 -12.80
C PRO B 93 -8.76 9.65 -12.90
N ALA B 94 -9.65 8.93 -12.20
CA ALA B 94 -9.67 7.47 -12.31
C ALA B 94 -10.01 7.03 -13.71
N ALA B 95 -11.06 7.63 -14.28
CA ALA B 95 -11.49 7.29 -15.63
C ALA B 95 -10.37 7.55 -16.63
N ARG B 96 -9.79 8.76 -16.58
CA ARG B 96 -8.75 9.14 -17.52
C ARG B 96 -7.58 8.18 -17.46
N LEU B 97 -7.10 7.88 -16.25
CA LEU B 97 -5.96 6.98 -16.08
C LEU B 97 -6.27 5.57 -16.58
N ALA B 98 -7.43 5.04 -16.20
CA ALA B 98 -7.81 3.70 -16.63
C ALA B 98 -7.84 3.61 -18.15
N LYS B 99 -8.44 4.61 -18.79
CA LYS B 99 -8.51 4.67 -20.26
C LYS B 99 -7.12 4.68 -20.89
N LEU B 100 -6.21 5.50 -20.37
CA LEU B 100 -4.82 5.51 -20.84
C LEU B 100 -4.20 4.14 -20.72
N LEU B 101 -4.33 3.56 -19.52
CA LEU B 101 -3.65 2.30 -19.18
C LEU B 101 -4.16 1.14 -20.01
N VAL B 102 -5.47 1.08 -20.21
CA VAL B 102 -6.06 0.08 -21.10
C VAL B 102 -5.54 0.23 -22.54
N ASP B 103 -5.41 1.48 -23.01
CA ASP B 103 -4.98 1.73 -24.39
C ASP B 103 -3.51 1.39 -24.63
N ILE B 104 -2.65 1.58 -23.63
CA ILE B 104 -1.20 1.50 -23.85
C ILE B 104 -0.51 0.22 -23.37
N THR B 105 -1.25 -0.63 -22.66
CA THR B 105 -0.69 -1.89 -22.18
C THR B 105 -0.91 -2.94 -23.27
N PRO B 106 -0.25 -4.11 -23.16
CA PRO B 106 -0.45 -5.17 -24.15
C PRO B 106 -1.92 -5.49 -24.43
N ALA B 107 -2.22 -5.79 -25.68
CA ALA B 107 -3.60 -5.98 -26.14
C ALA B 107 -4.36 -6.96 -25.25
N GLY B 108 -5.63 -6.65 -24.98
CA GLY B 108 -6.50 -7.53 -24.19
C GLY B 108 -6.64 -7.23 -22.70
N LEU B 109 -5.86 -6.31 -22.17
CA LEU B 109 -6.01 -5.92 -20.78
C LEU B 109 -7.02 -4.76 -20.67
N ASP B 110 -8.26 -5.11 -20.32
CA ASP B 110 -9.42 -4.22 -20.47
C ASP B 110 -9.99 -3.63 -19.18
N THR B 111 -9.54 -4.13 -18.03
CA THR B 111 -10.06 -3.69 -16.75
C THR B 111 -8.91 -3.32 -15.80
N VAL B 112 -9.11 -2.28 -15.01
CA VAL B 112 -8.05 -1.76 -14.14
C VAL B 112 -8.48 -1.72 -12.66
N PHE B 113 -7.66 -2.31 -11.79
CA PHE B 113 -7.93 -2.30 -10.35
C PHE B 113 -6.81 -1.53 -9.68
N PHE B 114 -7.16 -0.37 -9.11
CA PHE B 114 -6.17 0.50 -8.47
C PHE B 114 -5.89 0.13 -7.03
N SER B 115 -4.64 0.31 -6.62
CA SER B 115 -4.24 0.08 -5.25
C SER B 115 -3.12 1.04 -4.86
N ASP B 116 -2.56 0.87 -3.68
CA ASP B 116 -1.63 1.85 -3.13
C ASP B 116 -0.15 1.48 -3.23
N SER B 117 0.18 0.25 -3.61
CA SER B 117 1.58 -0.16 -3.72
C SER B 117 1.76 -1.38 -4.64
N GLY B 118 2.99 -1.60 -5.10
CA GLY B 118 3.31 -2.76 -5.95
C GLY B 118 2.96 -4.09 -5.29
N SER B 119 3.38 -4.28 -4.04
CA SER B 119 3.06 -5.53 -3.32
C SER B 119 1.55 -5.80 -3.26
N VAL B 120 0.75 -4.77 -2.95
CA VAL B 120 -0.70 -4.94 -2.93
C VAL B 120 -1.22 -5.35 -4.30
N SER B 121 -0.76 -4.69 -5.37
CA SER B 121 -1.20 -5.08 -6.73
C SER B 121 -0.89 -6.54 -7.07
N VAL B 122 0.25 -7.04 -6.56
CA VAL B 122 0.61 -8.44 -6.74
C VAL B 122 -0.35 -9.38 -5.98
N GLU B 123 -0.72 -9.02 -4.76
CA GLU B 123 -1.71 -9.80 -3.98
C GLU B 123 -3.07 -9.77 -4.67
N VAL B 124 -3.43 -8.62 -5.25
CA VAL B 124 -4.67 -8.49 -6.03
C VAL B 124 -4.62 -9.39 -7.27
N ALA B 125 -3.46 -9.40 -7.94
CA ALA B 125 -3.26 -10.24 -9.13
C ALA B 125 -3.46 -11.70 -8.76
N ALA B 126 -2.84 -12.13 -7.66
CA ALA B 126 -3.00 -13.49 -7.14
C ALA B 126 -4.47 -13.79 -6.81
N LYS B 127 -5.12 -12.81 -6.20
CA LYS B 127 -6.52 -12.97 -5.80
C LYS B 127 -7.38 -13.10 -7.06
N MET B 128 -7.08 -12.28 -8.07
CA MET B 128 -7.74 -12.40 -9.37
C MET B 128 -7.56 -13.81 -9.95
N ALA B 129 -6.32 -14.31 -9.96
CA ALA B 129 -6.07 -15.63 -10.53
C ALA B 129 -6.83 -16.74 -9.80
N LEU B 130 -6.75 -16.73 -8.47
CA LEU B 130 -7.41 -17.75 -7.65
C LEU B 130 -8.94 -17.73 -7.79
N GLN B 131 -9.54 -16.54 -7.71
CA GLN B 131 -10.99 -16.37 -7.88
C GLN B 131 -11.47 -16.75 -9.27
N TYR B 132 -10.62 -16.49 -10.26
CA TYR B 132 -10.87 -16.90 -11.63
C TYR B 132 -11.15 -18.42 -11.74
N TRP B 133 -10.23 -19.24 -11.25
CA TRP B 133 -10.37 -20.71 -11.35
C TRP B 133 -11.46 -21.24 -10.45
N ARG B 134 -11.73 -20.53 -9.36
CA ARG B 134 -12.86 -20.89 -8.51
C ARG B 134 -14.14 -20.66 -9.29
N GLY B 135 -14.17 -19.59 -10.09
CA GLY B 135 -15.29 -19.30 -10.96
C GLY B 135 -15.46 -20.31 -12.09
N ARG B 136 -14.42 -21.11 -12.36
CA ARG B 136 -14.48 -22.15 -13.39
C ARG B 136 -14.74 -23.52 -12.77
N GLY B 137 -14.96 -23.55 -11.45
CA GLY B 137 -15.17 -24.81 -10.74
C GLY B 137 -13.88 -25.61 -10.59
N LEU B 138 -12.76 -24.92 -10.48
CA LEU B 138 -11.48 -25.58 -10.32
C LEU B 138 -10.71 -24.97 -9.15
N PRO B 139 -11.20 -25.22 -7.92
CA PRO B 139 -10.60 -24.59 -6.74
C PRO B 139 -9.25 -25.20 -6.37
N GLY B 140 -8.92 -26.36 -6.93
CA GLY B 140 -7.58 -26.95 -6.77
C GLY B 140 -6.47 -26.11 -7.41
N LYS B 141 -6.82 -25.32 -8.42
CA LYS B 141 -5.82 -24.45 -9.08
C LYS B 141 -5.54 -23.21 -8.21
N ARG B 142 -4.57 -23.33 -7.32
CA ARG B 142 -4.38 -22.35 -6.24
C ARG B 142 -2.93 -22.00 -5.96
N ARG B 143 -2.00 -22.78 -6.49
CA ARG B 143 -0.58 -22.54 -6.29
C ARG B 143 -0.04 -21.61 -7.38
N LEU B 144 1.11 -21.00 -7.15
CA LEU B 144 1.76 -20.15 -8.14
C LEU B 144 3.08 -20.76 -8.58
N MET B 145 3.46 -20.48 -9.82
CA MET B 145 4.75 -20.93 -10.30
C MET B 145 5.55 -19.75 -10.82
N THR B 146 6.86 -19.83 -10.62
CA THR B 146 7.74 -18.80 -11.12
C THR B 146 9.12 -19.39 -11.36
N TRP B 147 10.01 -18.57 -11.87
CA TRP B 147 11.41 -18.94 -11.96
C TRP B 147 12.17 -18.19 -10.93
N ARG B 148 13.30 -18.76 -10.51
CA ARG B 148 14.13 -18.15 -9.46
C ARG B 148 14.70 -16.81 -9.89
N GLY B 149 15.23 -16.07 -8.90
CA GLY B 149 15.83 -14.76 -9.15
C GLY B 149 14.85 -13.60 -9.11
N GLY B 150 13.57 -13.88 -8.86
CA GLY B 150 12.56 -12.86 -8.96
C GLY B 150 12.27 -12.09 -7.69
N TYR B 151 11.62 -10.94 -7.86
CA TYR B 151 11.09 -10.17 -6.74
C TYR B 151 9.65 -9.77 -7.08
N HIS B 152 8.75 -9.86 -6.10
CA HIS B 152 7.32 -9.47 -6.32
C HIS B 152 6.68 -8.70 -5.20
N GLY B 153 7.46 -8.34 -4.18
CA GLY B 153 6.94 -7.60 -3.07
C GLY B 153 7.24 -8.22 -1.74
N ASP B 154 6.80 -7.54 -0.68
CA ASP B 154 7.15 -7.85 0.71
CA ASP B 154 7.17 -8.01 0.65
C ASP B 154 6.01 -8.39 1.56
N THR B 155 4.78 -8.25 1.07
CA THR B 155 3.64 -8.78 1.80
C THR B 155 3.75 -10.31 1.72
N PHE B 156 3.15 -11.03 2.65
CA PHE B 156 3.43 -12.46 2.80
C PHE B 156 3.18 -13.34 1.57
N LEU B 157 2.09 -13.12 0.81
CA LEU B 157 1.86 -13.86 -0.43
CA LEU B 157 1.90 -13.90 -0.41
C LEU B 157 2.92 -13.49 -1.48
N ALA B 158 3.14 -12.20 -1.65
CA ALA B 158 4.18 -11.72 -2.55
C ALA B 158 5.56 -12.33 -2.22
N MET B 159 5.89 -12.41 -0.94
CA MET B 159 7.14 -13.03 -0.49
C MET B 159 7.29 -14.48 -1.00
N SER B 160 6.17 -15.21 -1.06
CA SER B 160 6.19 -16.64 -1.42
C SER B 160 6.67 -16.95 -2.86
N ILE B 161 6.59 -15.95 -3.75
CA ILE B 161 7.12 -16.07 -5.13
C ILE B 161 8.42 -15.29 -5.37
N CYS B 162 8.96 -14.70 -4.31
N CYS B 162 8.95 -14.67 -4.33
CA CYS B 162 10.29 -14.10 -4.34
CA CYS B 162 10.27 -14.07 -4.42
C CYS B 162 11.33 -15.22 -4.41
C CYS B 162 11.34 -15.18 -4.38
N ASP B 163 12.48 -14.92 -5.01
CA ASP B 163 13.62 -15.85 -5.00
C ASP B 163 13.89 -16.33 -3.58
N PRO B 164 13.99 -17.66 -3.35
CA PRO B 164 14.18 -18.14 -1.97
C PRO B 164 15.44 -17.63 -1.23
N HIS B 165 16.53 -17.33 -1.93
CA HIS B 165 17.71 -16.74 -1.28
C HIS B 165 17.57 -15.25 -1.09
N GLY B 166 17.25 -14.56 -2.18
CA GLY B 166 17.02 -13.10 -2.14
C GLY B 166 15.96 -12.69 -1.14
N GLY B 167 14.91 -13.52 -1.00
CA GLY B 167 13.83 -13.27 -0.03
C GLY B 167 14.02 -13.91 1.34
N MET B 168 15.15 -14.57 1.55
CA MET B 168 15.50 -15.20 2.84
C MET B 168 14.41 -16.11 3.38
N HIS B 169 13.94 -17.04 2.55
CA HIS B 169 12.90 -17.98 2.96
C HIS B 169 13.33 -18.88 4.09
N SER B 170 14.65 -18.99 4.29
CA SER B 170 15.23 -19.78 5.38
C SER B 170 14.78 -19.27 6.75
N LEU B 171 14.49 -17.98 6.81
CA LEU B 171 14.00 -17.33 8.01
C LEU B 171 12.48 -17.40 8.12
N TRP B 172 11.83 -18.11 7.20
CA TRP B 172 10.36 -18.18 7.16
C TRP B 172 9.81 -19.58 7.04
N THR B 173 10.63 -20.55 7.45
CA THR B 173 10.25 -21.97 7.49
C THR B 173 8.82 -22.15 8.00
N ASP B 174 8.02 -22.80 7.16
CA ASP B 174 6.59 -23.06 7.39
C ASP B 174 5.71 -21.86 7.79
N VAL B 175 6.14 -20.65 7.41
CA VAL B 175 5.25 -19.47 7.44
C VAL B 175 4.63 -19.17 6.07
N LEU B 176 5.42 -19.29 5.00
CA LEU B 176 4.99 -18.91 3.65
C LEU B 176 4.30 -20.05 2.94
N ALA B 177 3.47 -19.72 1.97
CA ALA B 177 2.96 -20.70 1.03
C ALA B 177 4.12 -21.32 0.25
N ALA B 178 4.05 -22.63 0.00
CA ALA B 178 5.05 -23.35 -0.79
C ALA B 178 4.69 -23.27 -2.26
N GLN B 179 5.47 -22.52 -3.03
CA GLN B 179 5.16 -22.34 -4.44
C GLN B 179 6.06 -23.22 -5.32
N VAL B 180 5.77 -23.24 -6.62
CA VAL B 180 6.55 -24.01 -7.57
C VAL B 180 7.61 -23.12 -8.23
N PHE B 181 8.88 -23.43 -7.98
CA PHE B 181 10.00 -22.69 -8.54
C PHE B 181 10.76 -23.45 -9.60
N ALA B 182 10.84 -22.87 -10.80
CA ALA B 182 11.78 -23.29 -11.83
C ALA B 182 13.17 -22.67 -11.59
N PRO B 183 14.22 -23.27 -12.19
CA PRO B 183 15.56 -22.68 -12.11
C PRO B 183 15.64 -21.25 -12.67
N GLN B 184 16.69 -20.54 -12.25
CA GLN B 184 17.01 -19.19 -12.74
C GLN B 184 16.89 -19.13 -14.27
N VAL B 185 16.08 -18.23 -14.80
CA VAL B 185 16.04 -18.04 -16.25
C VAL B 185 17.38 -17.47 -16.76
N PRO B 186 18.02 -18.14 -17.75
CA PRO B 186 19.33 -17.69 -18.27
C PRO B 186 19.21 -16.44 -19.11
N ARG B 187 20.31 -15.70 -19.23
CA ARG B 187 20.35 -14.52 -20.06
C ARG B 187 20.10 -14.87 -21.53
N ASP B 188 20.94 -15.74 -22.08
CA ASP B 188 20.85 -16.12 -23.49
C ASP B 188 19.72 -17.11 -23.71
N TYR B 189 19.08 -17.04 -24.88
CA TYR B 189 17.95 -17.92 -25.19
C TYR B 189 18.36 -19.37 -25.43
N ASP B 190 17.77 -20.27 -24.64
CA ASP B 190 17.96 -21.70 -24.78
C ASP B 190 16.62 -22.42 -24.68
N PRO B 191 16.14 -23.00 -25.81
CA PRO B 191 14.84 -23.68 -25.82
C PRO B 191 14.79 -24.89 -24.88
N ALA B 192 15.95 -25.45 -24.54
CA ALA B 192 15.99 -26.49 -23.51
C ALA B 192 15.44 -25.96 -22.18
N TYR B 193 15.71 -24.70 -21.84
CA TYR B 193 15.21 -24.13 -20.58
C TYR B 193 13.68 -24.06 -20.59
N SER B 194 13.12 -23.61 -21.71
CA SER B 194 11.67 -23.51 -21.89
C SER B 194 11.00 -24.87 -21.86
N ALA B 195 11.62 -25.86 -22.51
CA ALA B 195 11.10 -27.24 -22.54
C ALA B 195 11.04 -27.83 -21.15
N ALA B 196 12.09 -27.60 -20.35
CA ALA B 196 12.13 -28.05 -18.95
C ALA B 196 11.13 -27.29 -18.06
N PHE B 197 10.94 -26.00 -18.34
CA PHE B 197 9.94 -25.21 -17.62
C PHE B 197 8.55 -25.80 -17.87
N GLU B 198 8.27 -26.15 -19.13
CA GLU B 198 6.98 -26.72 -19.52
C GLU B 198 6.72 -28.07 -18.85
N ALA B 199 7.74 -28.95 -18.85
CA ALA B 199 7.61 -30.26 -18.22
C ALA B 199 7.36 -30.11 -16.71
N GLN B 200 8.05 -29.19 -16.06
CA GLN B 200 7.80 -28.96 -14.64
C GLN B 200 6.38 -28.43 -14.41
N LEU B 201 5.95 -27.47 -15.24
CA LEU B 201 4.59 -26.94 -15.16
C LEU B 201 3.54 -28.03 -15.43
N ALA B 202 3.78 -28.88 -16.42
CA ALA B 202 2.78 -29.88 -16.83
C ALA B 202 2.38 -30.79 -15.68
N GLN B 203 3.33 -31.14 -14.83
CA GLN B 203 3.02 -32.04 -13.75
C GLN B 203 2.31 -31.35 -12.56
N HIS B 204 2.38 -30.02 -12.52
CA HIS B 204 1.68 -29.21 -11.54
C HIS B 204 0.44 -28.53 -12.09
N ALA B 205 0.19 -28.65 -13.39
CA ALA B 205 -0.85 -27.83 -14.06
C ALA B 205 -2.19 -27.82 -13.33
N GLY B 206 -2.62 -28.99 -12.87
CA GLY B 206 -3.92 -29.16 -12.21
C GLY B 206 -4.02 -28.45 -10.86
N GLU B 207 -2.87 -28.04 -10.31
CA GLU B 207 -2.87 -27.29 -9.06
C GLU B 207 -2.31 -25.85 -9.18
N LEU B 208 -2.08 -25.38 -10.40
CA LEU B 208 -1.52 -24.05 -10.60
C LEU B 208 -2.55 -23.05 -11.07
N ALA B 209 -2.69 -21.96 -10.34
CA ALA B 209 -3.53 -20.86 -10.80
C ALA B 209 -2.82 -20.06 -11.89
N ALA B 210 -1.53 -19.81 -11.70
CA ALA B 210 -0.82 -18.83 -12.56
C ALA B 210 0.69 -18.95 -12.49
N VAL B 211 1.35 -18.58 -13.59
CA VAL B 211 2.78 -18.30 -13.61
C VAL B 211 2.94 -16.80 -13.40
N VAL B 212 3.87 -16.41 -12.53
CA VAL B 212 4.12 -14.99 -12.28
C VAL B 212 5.57 -14.69 -12.50
N VAL B 213 5.89 -13.79 -13.42
CA VAL B 213 7.28 -13.42 -13.69
C VAL B 213 7.47 -11.92 -13.91
N GLU B 214 8.68 -11.44 -13.69
CA GLU B 214 9.09 -10.13 -14.21
C GLU B 214 9.56 -10.31 -15.65
N PRO B 215 8.99 -9.53 -16.60
CA PRO B 215 9.33 -9.71 -18.00
C PRO B 215 10.61 -8.97 -18.41
N VAL B 216 11.56 -9.72 -18.96
CA VAL B 216 12.82 -9.19 -19.51
C VAL B 216 13.85 -8.83 -18.43
N VAL B 217 13.44 -8.04 -17.42
CA VAL B 217 14.37 -7.63 -16.36
C VAL B 217 13.84 -8.00 -14.98
N GLN B 218 14.64 -8.77 -14.25
CA GLN B 218 14.39 -9.07 -12.85
C GLN B 218 15.16 -8.03 -12.07
N GLY B 219 14.44 -7.25 -11.26
CA GLY B 219 14.99 -6.09 -10.56
C GLY B 219 15.64 -6.37 -9.21
N ALA B 220 14.85 -6.32 -8.14
CA ALA B 220 15.39 -6.36 -6.79
C ALA B 220 16.02 -7.71 -6.45
N GLY B 221 15.80 -8.71 -7.32
CA GLY B 221 16.39 -10.03 -7.16
C GLY B 221 17.79 -10.21 -7.75
N GLY B 222 18.35 -9.17 -8.36
CA GLY B 222 19.73 -9.21 -8.84
C GLY B 222 19.97 -8.55 -10.21
N MET B 223 19.08 -7.66 -10.62
CA MET B 223 19.23 -6.92 -11.88
C MET B 223 19.68 -7.81 -13.05
N ARG B 224 19.00 -8.95 -13.23
CA ARG B 224 19.33 -9.87 -14.32
C ARG B 224 18.41 -9.66 -15.53
N PHE B 225 18.99 -9.77 -16.72
CA PHE B 225 18.23 -9.64 -17.96
C PHE B 225 18.10 -11.02 -18.63
N HIS B 226 16.97 -11.28 -19.27
CA HIS B 226 16.81 -12.50 -20.04
C HIS B 226 16.18 -12.22 -21.38
N ASP B 227 16.47 -13.10 -22.35
CA ASP B 227 15.92 -13.00 -23.70
C ASP B 227 14.39 -12.96 -23.69
N PRO B 228 13.79 -11.94 -24.33
CA PRO B 228 12.33 -11.77 -24.48
C PRO B 228 11.61 -13.01 -25.04
N ARG B 229 12.31 -13.80 -25.85
CA ARG B 229 11.71 -15.03 -26.40
C ARG B 229 11.18 -16.01 -25.33
N TYR B 230 11.77 -15.99 -24.13
CA TYR B 230 11.30 -16.81 -23.02
C TYR B 230 9.87 -16.47 -22.59
N LEU B 231 9.51 -15.19 -22.71
CA LEU B 231 8.15 -14.73 -22.44
C LEU B 231 7.18 -15.22 -23.51
N HIS B 232 7.65 -15.27 -24.77
CA HIS B 232 6.87 -15.89 -25.84
C HIS B 232 6.62 -17.36 -25.53
N ASP B 233 7.59 -18.06 -24.96
CA ASP B 233 7.39 -19.49 -24.59
C ASP B 233 6.42 -19.68 -23.40
N LEU B 234 6.51 -18.78 -22.41
CA LEU B 234 5.57 -18.79 -21.28
C LEU B 234 4.13 -18.60 -21.72
N ARG B 235 3.91 -17.67 -22.64
CA ARG B 235 2.55 -17.41 -23.13
C ARG B 235 2.00 -18.69 -23.76
N ASP B 236 2.81 -19.33 -24.61
CA ASP B 236 2.46 -20.57 -25.28
C ASP B 236 2.21 -21.71 -24.28
N ILE B 237 3.12 -21.88 -23.31
CA ILE B 237 2.97 -22.92 -22.28
C ILE B 237 1.71 -22.72 -21.42
N CYS B 238 1.50 -21.48 -20.96
CA CYS B 238 0.30 -21.13 -20.19
C CYS B 238 -0.99 -21.36 -20.98
N ARG B 239 -1.01 -20.91 -22.24
CA ARG B 239 -2.14 -21.16 -23.14
C ARG B 239 -2.50 -22.66 -23.23
N ARG B 240 -1.50 -23.47 -23.55
CA ARG B 240 -1.74 -24.90 -23.80
C ARG B 240 -2.09 -25.72 -22.54
N TYR B 241 -1.53 -25.34 -21.39
CA TYR B 241 -1.83 -26.04 -20.14
C TYR B 241 -2.91 -25.39 -19.29
N GLU B 242 -3.54 -24.35 -19.83
CA GLU B 242 -4.60 -23.61 -19.12
C GLU B 242 -4.16 -23.18 -17.71
N VAL B 243 -3.15 -22.32 -17.67
CA VAL B 243 -2.61 -21.77 -16.44
C VAL B 243 -2.49 -20.29 -16.77
N LEU B 244 -2.99 -19.40 -15.91
CA LEU B 244 -2.96 -17.97 -16.22
C LEU B 244 -1.54 -17.43 -16.22
N LEU B 245 -1.34 -16.34 -16.95
CA LEU B 245 -0.01 -15.71 -16.99
C LEU B 245 -0.03 -14.30 -16.44
N ILE B 246 0.81 -14.08 -15.43
CA ILE B 246 0.87 -12.78 -14.78
C ILE B 246 2.25 -12.16 -15.03
N PHE B 247 2.29 -10.97 -15.64
CA PHE B 247 3.53 -10.23 -15.76
C PHE B 247 3.59 -9.16 -14.69
N ASP B 248 4.70 -9.14 -13.96
CA ASP B 248 4.91 -8.14 -12.94
C ASP B 248 5.78 -7.05 -13.54
N GLU B 249 5.14 -5.97 -13.98
CA GLU B 249 5.87 -4.86 -14.63
C GLU B 249 6.03 -3.65 -13.73
N ILE B 250 6.03 -3.88 -12.43
CA ILE B 250 6.18 -2.79 -11.45
C ILE B 250 7.50 -2.02 -11.61
N ALA B 251 8.60 -2.73 -11.92
CA ALA B 251 9.89 -2.11 -12.21
C ALA B 251 10.11 -1.80 -13.69
N THR B 252 9.60 -2.67 -14.57
CA THR B 252 9.91 -2.57 -15.99
C THR B 252 9.02 -1.61 -16.80
N GLY B 253 7.84 -1.28 -16.28
CA GLY B 253 6.86 -0.50 -17.01
C GLY B 253 7.30 0.91 -17.43
N PHE B 254 6.53 1.50 -18.33
CA PHE B 254 6.69 2.89 -18.76
C PHE B 254 8.06 3.24 -19.33
N GLY B 255 8.52 2.41 -20.26
CA GLY B 255 9.68 2.74 -21.09
C GLY B 255 11.03 2.32 -20.59
N ARG B 256 11.10 1.91 -19.33
CA ARG B 256 12.39 1.67 -18.67
C ARG B 256 13.33 0.75 -19.45
N THR B 257 12.81 -0.35 -20.01
CA THR B 257 13.68 -1.32 -20.70
C THR B 257 13.79 -1.10 -22.23
N GLY B 258 13.40 0.09 -22.69
CA GLY B 258 13.46 0.40 -24.13
C GLY B 258 12.16 0.16 -24.89
N ALA B 259 11.20 -0.47 -24.23
CA ALA B 259 9.86 -0.64 -24.80
C ALA B 259 8.87 -0.04 -23.81
N LEU B 260 7.64 0.23 -24.25
CA LEU B 260 6.68 0.90 -23.37
C LEU B 260 6.43 0.02 -22.14
N PHE B 261 6.16 -1.27 -22.39
CA PHE B 261 6.17 -2.27 -21.34
C PHE B 261 7.07 -3.39 -21.80
N ALA B 262 7.74 -4.04 -20.87
CA ALA B 262 8.76 -5.02 -21.23
C ALA B 262 8.19 -6.19 -22.05
N ALA B 263 6.93 -6.55 -21.81
CA ALA B 263 6.21 -7.54 -22.61
C ALA B 263 6.25 -7.24 -24.12
N ASP B 264 6.33 -5.96 -24.48
CA ASP B 264 6.33 -5.55 -25.87
C ASP B 264 7.56 -6.04 -26.63
N HIS B 265 8.65 -6.28 -25.89
CA HIS B 265 9.87 -6.88 -26.47
C HIS B 265 9.60 -8.24 -27.06
N ALA B 266 8.72 -9.02 -26.41
CA ALA B 266 8.33 -10.34 -26.90
C ALA B 266 7.04 -10.35 -27.75
N GLY B 267 6.34 -9.22 -27.80
CA GLY B 267 5.05 -9.13 -28.51
C GLY B 267 3.97 -10.03 -27.94
N VAL B 268 3.91 -10.13 -26.62
CA VAL B 268 2.97 -11.03 -25.96
C VAL B 268 2.13 -10.33 -24.88
N SER B 269 0.90 -10.79 -24.69
CA SER B 269 0.01 -10.26 -23.66
C SER B 269 -0.16 -11.25 -22.51
N PRO B 270 0.09 -10.81 -21.25
CA PRO B 270 -0.27 -11.63 -20.08
C PRO B 270 -1.80 -11.62 -19.86
N ASP B 271 -2.29 -12.54 -19.04
CA ASP B 271 -3.70 -12.51 -18.65
C ASP B 271 -3.95 -11.41 -17.60
N ILE B 272 -2.96 -11.19 -16.76
CA ILE B 272 -3.01 -10.22 -15.65
C ILE B 272 -1.67 -9.49 -15.59
N MET B 273 -1.72 -8.18 -15.35
CA MET B 273 -0.52 -7.36 -15.35
C MET B 273 -0.50 -6.37 -14.17
N CYS B 274 0.66 -6.27 -13.52
CA CYS B 274 0.89 -5.30 -12.44
C CYS B 274 1.84 -4.18 -12.82
N VAL B 275 1.46 -2.95 -12.46
CA VAL B 275 2.30 -1.77 -12.63
C VAL B 275 2.35 -0.96 -11.33
N GLY B 276 3.40 -0.14 -11.21
CA GLY B 276 3.62 0.65 -10.00
C GLY B 276 4.86 1.49 -10.17
N LYS B 277 5.52 1.82 -9.08
CA LYS B 277 6.79 2.56 -9.13
C LYS B 277 6.78 3.84 -9.98
N ALA B 278 6.90 3.69 -11.30
CA ALA B 278 7.01 4.86 -12.15
C ALA B 278 5.64 5.41 -12.61
N LEU B 279 4.57 4.77 -12.14
CA LEU B 279 3.19 5.10 -12.53
C LEU B 279 2.87 6.57 -12.33
N THR B 280 3.26 7.11 -11.18
CA THR B 280 2.98 8.51 -10.85
C THR B 280 4.19 9.40 -11.07
N GLY B 281 5.18 8.89 -11.81
CA GLY B 281 6.43 9.64 -12.02
C GLY B 281 7.19 9.86 -10.74
N GLY B 282 6.91 9.05 -9.73
CA GLY B 282 7.64 9.10 -8.46
C GLY B 282 7.16 10.11 -7.44
N TYR B 283 5.97 10.68 -7.68
CA TYR B 283 5.39 11.65 -6.78
C TYR B 283 4.72 10.99 -5.58
N LEU B 284 3.97 9.93 -5.84
CA LEU B 284 3.05 9.35 -4.86
C LEU B 284 2.92 7.85 -5.09
N SER B 285 2.65 7.12 -4.01
CA SER B 285 2.38 5.68 -4.12
CA SER B 285 2.39 5.68 -4.13
C SER B 285 1.08 5.45 -4.84
N LEU B 286 1.14 4.66 -5.90
CA LEU B 286 -0.01 4.24 -6.66
C LEU B 286 0.45 3.02 -7.46
N ALA B 287 -0.43 2.04 -7.56
CA ALA B 287 -0.23 0.82 -8.35
C ALA B 287 -1.54 0.42 -9.02
N ALA B 288 -1.46 -0.43 -10.04
CA ALA B 288 -2.68 -0.98 -10.70
C ALA B 288 -2.48 -2.42 -11.10
N THR B 289 -3.58 -3.16 -11.14
CA THR B 289 -3.57 -4.51 -11.67
C THR B 289 -4.59 -4.52 -12.80
N LEU B 290 -4.17 -4.98 -13.96
CA LEU B 290 -5.07 -5.09 -15.10
C LEU B 290 -5.30 -6.58 -15.38
N CYS B 291 -6.47 -6.89 -15.90
CA CYS B 291 -6.76 -8.24 -16.38
C CYS B 291 -7.66 -8.15 -17.61
N THR B 292 -7.72 -9.26 -18.34
CA THR B 292 -8.54 -9.40 -19.53
C THR B 292 -10.02 -9.36 -19.14
N ALA B 293 -10.87 -9.17 -20.15
CA ALA B 293 -12.30 -9.29 -20.01
C ALA B 293 -12.70 -10.69 -19.48
N ASP B 294 -12.05 -11.74 -19.99
CA ASP B 294 -12.36 -13.11 -19.60
C ASP B 294 -12.12 -13.30 -18.09
N VAL B 295 -10.95 -12.88 -17.61
CA VAL B 295 -10.67 -12.96 -16.18
C VAL B 295 -11.74 -12.18 -15.38
N ALA B 296 -11.97 -10.92 -15.75
CA ALA B 296 -12.96 -10.08 -15.08
C ALA B 296 -14.35 -10.73 -15.04
N HIS B 297 -14.83 -11.21 -16.19
CA HIS B 297 -16.17 -11.80 -16.27
C HIS B 297 -16.30 -13.09 -15.50
N THR B 298 -15.30 -13.96 -15.61
CA THR B 298 -15.30 -15.20 -14.85
C THR B 298 -15.29 -14.96 -13.33
N ILE B 299 -14.47 -14.04 -12.87
CA ILE B 299 -14.51 -13.64 -11.46
C ILE B 299 -15.94 -13.19 -11.10
N SER B 300 -16.48 -12.26 -11.89
CA SER B 300 -17.81 -11.66 -11.63
C SER B 300 -19.00 -12.62 -11.72
N ALA B 301 -18.91 -13.65 -12.56
CA ALA B 301 -19.99 -14.62 -12.71
C ALA B 301 -19.85 -15.79 -11.73
N GLY B 302 -18.72 -15.79 -11.02
CA GLY B 302 -18.42 -16.82 -10.01
C GLY B 302 -19.29 -16.69 -8.78
N ALA B 303 -19.19 -17.67 -7.90
CA ALA B 303 -20.03 -17.80 -6.71
C ALA B 303 -19.99 -16.57 -5.81
N ALA B 304 -18.80 -15.99 -5.63
CA ALA B 304 -18.64 -14.80 -4.81
C ALA B 304 -19.25 -13.53 -5.44
N GLY B 305 -19.47 -13.56 -6.74
CA GLY B 305 -20.07 -12.42 -7.46
C GLY B 305 -19.25 -11.13 -7.55
N ALA B 306 -18.03 -11.14 -6.99
CA ALA B 306 -17.19 -9.94 -6.94
C ALA B 306 -15.75 -10.26 -6.51
N LEU B 307 -14.81 -9.40 -6.93
CA LEU B 307 -13.44 -9.49 -6.46
C LEU B 307 -13.38 -8.92 -5.05
N MET B 308 -12.96 -9.75 -4.11
CA MET B 308 -13.04 -9.41 -2.70
C MET B 308 -11.81 -8.63 -2.24
N HIS B 309 -11.68 -7.39 -2.70
CA HIS B 309 -10.55 -6.54 -2.37
C HIS B 309 -10.98 -5.10 -2.59
N GLY B 310 -10.38 -4.19 -1.83
CA GLY B 310 -10.79 -2.80 -1.86
C GLY B 310 -10.01 -1.94 -0.90
N PRO B 311 -8.83 -1.45 -1.32
CA PRO B 311 -8.05 -0.58 -0.44
C PRO B 311 -8.83 0.71 -0.18
N THR B 312 -8.76 1.18 1.06
CA THR B 312 -9.47 2.39 1.47
C THR B 312 -9.18 3.56 0.52
N PHE B 313 -7.91 3.75 0.15
CA PHE B 313 -7.55 4.86 -0.74
C PHE B 313 -7.61 4.58 -2.24
N MET B 314 -8.28 3.49 -2.62
CA MET B 314 -8.42 3.07 -4.02
C MET B 314 -8.73 4.24 -4.97
N ALA B 315 -7.94 4.33 -6.05
CA ALA B 315 -8.13 5.33 -7.10
C ALA B 315 -8.13 6.78 -6.58
N ASN B 316 -7.29 7.06 -5.58
CA ASN B 316 -7.06 8.42 -5.07
C ASN B 316 -6.89 9.42 -6.22
N PRO B 317 -7.78 10.43 -6.29
CA PRO B 317 -7.75 11.49 -7.30
C PRO B 317 -6.40 12.21 -7.46
N LEU B 318 -5.72 12.52 -6.35
CA LEU B 318 -4.41 13.18 -6.43
C LEU B 318 -3.37 12.29 -7.11
N ALA B 319 -3.19 11.07 -6.60
CA ALA B 319 -2.27 10.10 -7.22
C ALA B 319 -2.62 9.86 -8.69
N CYS B 320 -3.92 9.65 -8.98
CA CYS B 320 -4.37 9.38 -10.35
C CYS B 320 -4.12 10.57 -11.30
N ALA B 321 -4.29 11.79 -10.79
CA ALA B 321 -4.12 13.00 -11.57
C ALA B 321 -2.68 13.15 -12.02
N VAL B 322 -1.75 13.00 -11.08
CA VAL B 322 -0.34 13.18 -11.41
C VAL B 322 0.12 12.04 -12.35
N SER B 323 -0.49 10.86 -12.19
CA SER B 323 -0.20 9.71 -13.04
CA SER B 323 -0.17 9.73 -13.03
C SER B 323 -0.59 9.98 -14.49
N VAL B 324 -1.80 10.52 -14.68
CA VAL B 324 -2.28 10.86 -16.02
C VAL B 324 -1.28 11.80 -16.70
N ALA B 325 -0.88 12.86 -16.00
CA ALA B 325 0.12 13.79 -16.50
C ALA B 325 1.46 13.09 -16.77
N SER B 326 1.88 12.19 -15.89
CA SER B 326 3.14 11.46 -16.08
C SER B 326 3.11 10.55 -17.33
N VAL B 327 2.00 9.83 -17.52
CA VAL B 327 1.85 8.95 -18.67
C VAL B 327 1.77 9.78 -19.96
N GLU B 328 0.95 10.83 -19.94
CA GLU B 328 0.81 11.69 -21.12
C GLU B 328 2.12 12.37 -21.53
N LEU B 329 2.89 12.83 -20.55
CA LEU B 329 4.20 13.42 -20.78
C LEU B 329 5.18 12.42 -21.44
N LEU B 330 5.13 11.16 -21.02
CA LEU B 330 5.94 10.10 -21.64
C LEU B 330 5.49 9.86 -23.09
N LEU B 331 4.19 9.61 -23.27
CA LEU B 331 3.61 9.39 -24.60
C LEU B 331 3.70 10.60 -25.54
N GLY B 332 3.74 11.80 -24.98
CA GLY B 332 3.75 13.05 -25.78
C GLY B 332 5.10 13.41 -26.37
N GLN B 333 6.15 12.70 -25.98
CA GLN B 333 7.48 12.88 -26.56
C GLN B 333 7.94 11.59 -27.25
N ASP B 334 9.06 11.65 -27.97
CA ASP B 334 9.69 10.48 -28.56
C ASP B 334 10.49 9.76 -27.48
N TRP B 335 9.77 9.01 -26.63
CA TRP B 335 10.40 8.31 -25.51
C TRP B 335 11.31 7.19 -25.97
N ARG B 336 10.99 6.59 -27.13
CA ARG B 336 11.80 5.48 -27.63
C ARG B 336 13.21 5.93 -27.99
N THR B 337 13.30 7.05 -28.69
CA THR B 337 14.61 7.67 -28.97
C THR B 337 15.34 8.01 -27.69
N ARG B 338 14.65 8.67 -26.76
CA ARG B 338 15.27 9.05 -25.49
C ARG B 338 15.93 7.86 -24.78
N ILE B 339 15.22 6.73 -24.70
CA ILE B 339 15.75 5.53 -24.02
C ILE B 339 16.91 4.87 -24.80
N THR B 340 16.83 4.92 -26.12
CA THR B 340 17.91 4.43 -26.98
C THR B 340 19.17 5.27 -26.73
N GLU B 341 19.02 6.60 -26.74
CA GLU B 341 20.13 7.50 -26.45
C GLU B 341 20.72 7.21 -25.06
N LEU B 342 19.86 7.08 -24.05
CA LEU B 342 20.28 6.75 -22.69
C LEU B 342 21.06 5.46 -22.59
N ALA B 343 20.53 4.40 -23.22
CA ALA B 343 21.17 3.08 -23.24
C ALA B 343 22.57 3.14 -23.85
N ALA B 344 22.70 3.86 -24.96
CA ALA B 344 23.98 4.13 -25.62
C ALA B 344 24.94 4.84 -24.68
N GLY B 345 24.47 5.89 -24.02
CA GLY B 345 25.25 6.60 -23.01
C GLY B 345 25.73 5.69 -21.89
N LEU B 346 24.82 4.87 -21.36
CA LEU B 346 25.17 3.89 -20.36
C LEU B 346 26.22 2.87 -20.85
N THR B 347 26.07 2.40 -22.08
CA THR B 347 27.02 1.41 -22.65
C THR B 347 28.43 2.01 -22.81
N ALA B 348 28.53 3.15 -23.49
CA ALA B 348 29.81 3.80 -23.73
C ALA B 348 30.52 4.11 -22.42
N GLY B 349 29.79 4.64 -21.46
CA GLY B 349 30.37 5.07 -20.19
C GLY B 349 30.77 3.94 -19.25
N LEU B 350 30.13 2.78 -19.40
CA LEU B 350 30.43 1.64 -18.54
C LEU B 350 31.44 0.66 -19.13
N ASP B 351 31.79 0.85 -20.39
CA ASP B 351 32.62 -0.12 -21.12
C ASP B 351 33.99 -0.39 -20.48
N THR B 352 34.65 0.63 -19.98
CA THR B 352 35.99 0.42 -19.39
C THR B 352 35.97 -0.42 -18.09
N ALA B 353 34.77 -0.62 -17.54
CA ALA B 353 34.62 -1.44 -16.34
C ALA B 353 34.82 -2.92 -16.61
N ARG B 354 34.57 -3.36 -17.84
CA ARG B 354 34.75 -4.78 -18.22
C ARG B 354 36.16 -5.27 -17.95
N ALA B 355 37.15 -4.37 -18.09
CA ALA B 355 38.56 -4.69 -17.86
C ALA B 355 38.96 -4.73 -16.38
N LEU B 356 38.11 -4.18 -15.52
CA LEU B 356 38.41 -4.12 -14.09
C LEU B 356 38.52 -5.51 -13.46
N PRO B 357 39.51 -5.71 -12.58
CA PRO B 357 39.78 -7.03 -11.98
C PRO B 357 38.60 -7.65 -11.23
N ALA B 358 37.80 -6.83 -10.56
CA ALA B 358 36.73 -7.33 -9.69
C ALA B 358 35.37 -7.42 -10.40
N VAL B 359 35.34 -7.03 -11.67
CA VAL B 359 34.10 -7.02 -12.45
C VAL B 359 33.90 -8.33 -13.20
N THR B 360 32.76 -8.98 -12.98
CA THR B 360 32.39 -10.19 -13.72
C THR B 360 31.49 -9.93 -14.94
N ASP B 361 30.70 -8.86 -14.90
CA ASP B 361 29.81 -8.52 -16.03
C ASP B 361 29.46 -7.03 -16.11
N VAL B 362 29.19 -6.56 -17.33
CA VAL B 362 28.66 -5.21 -17.56
C VAL B 362 27.55 -5.40 -18.58
N ARG B 363 26.36 -4.93 -18.22
CA ARG B 363 25.18 -5.15 -19.05
C ARG B 363 24.23 -3.97 -18.98
N VAL B 364 23.64 -3.64 -20.11
CA VAL B 364 22.73 -2.52 -20.24
C VAL B 364 21.46 -3.03 -20.92
N CYS B 365 20.32 -2.50 -20.48
CA CYS B 365 19.03 -2.74 -21.10
C CYS B 365 18.15 -1.49 -20.96
N GLY B 366 17.99 -0.74 -22.06
CA GLY B 366 17.28 0.52 -22.03
C GLY B 366 17.95 1.47 -21.06
N ALA B 367 17.16 2.14 -20.23
CA ALA B 367 17.71 3.06 -19.23
C ALA B 367 18.09 2.33 -17.94
N ILE B 368 18.79 1.21 -18.10
CA ILE B 368 19.32 0.44 -16.96
C ILE B 368 20.77 0.04 -17.22
N GLY B 369 21.67 0.35 -16.29
CA GLY B 369 23.07 -0.03 -16.40
C GLY B 369 23.55 -0.74 -15.15
N VAL B 370 24.26 -1.85 -15.33
CA VAL B 370 24.67 -2.73 -14.23
C VAL B 370 26.15 -3.14 -14.39
N ILE B 371 26.89 -3.02 -13.29
CA ILE B 371 28.21 -3.59 -13.17
C ILE B 371 28.10 -4.64 -12.09
N GLU B 372 28.31 -5.90 -12.47
CA GLU B 372 28.31 -6.96 -11.49
C GLU B 372 29.75 -7.27 -11.10
N CYS B 373 30.00 -7.23 -9.79
CA CYS B 373 31.32 -7.50 -9.25
C CYS B 373 31.36 -8.91 -8.71
N ASP B 374 32.54 -9.35 -8.30
CA ASP B 374 32.77 -10.72 -7.84
C ASP B 374 32.67 -10.87 -6.31
N ARG B 375 32.25 -9.80 -5.65
CA ARG B 375 32.17 -9.75 -4.18
C ARG B 375 31.19 -8.65 -3.75
N PRO B 376 30.77 -8.66 -2.46
CA PRO B 376 29.83 -7.63 -2.06
C PRO B 376 30.50 -6.26 -2.08
N VAL B 377 29.74 -5.22 -2.43
CA VAL B 377 30.28 -3.85 -2.50
C VAL B 377 30.03 -3.15 -1.18
N ASP B 378 31.12 -2.73 -0.53
CA ASP B 378 31.01 -2.08 0.78
C ASP B 378 30.38 -0.68 0.62
N LEU B 379 29.18 -0.52 1.18
CA LEU B 379 28.45 0.76 1.14
C LEU B 379 29.23 1.93 1.77
N ALA B 380 29.91 1.65 2.88
CA ALA B 380 30.69 2.67 3.60
C ALA B 380 31.86 3.23 2.78
N VAL B 381 32.24 2.50 1.73
CA VAL B 381 33.30 2.94 0.82
C VAL B 381 32.67 3.54 -0.45
N ALA B 382 31.67 2.85 -0.98
CA ALA B 382 31.03 3.20 -2.24
C ALA B 382 30.19 4.49 -2.20
N THR B 383 29.36 4.62 -1.17
CA THR B 383 28.50 5.81 -1.02
C THR B 383 29.30 7.13 -0.92
N PRO B 384 30.28 7.21 -0.01
CA PRO B 384 31.14 8.40 -0.01
C PRO B 384 31.84 8.66 -1.34
N ALA B 385 32.29 7.62 -2.02
CA ALA B 385 33.01 7.75 -3.31
C ALA B 385 32.15 8.28 -4.47
N ALA B 386 30.86 8.00 -4.45
CA ALA B 386 30.00 8.48 -5.52
C ALA B 386 29.56 9.90 -5.19
N LEU B 387 29.27 10.15 -3.91
CA LEU B 387 28.88 11.49 -3.46
C LEU B 387 29.97 12.49 -3.77
N ASP B 388 31.19 12.13 -3.42
CA ASP B 388 32.40 12.87 -3.75
C ASP B 388 32.47 13.27 -5.23
N ARG B 389 31.74 12.55 -6.09
CA ARG B 389 31.74 12.81 -7.53
C ARG B 389 30.42 13.39 -8.04
N GLY B 390 29.57 13.83 -7.11
CA GLY B 390 28.29 14.42 -7.46
C GLY B 390 27.24 13.42 -7.93
N VAL B 391 27.28 12.20 -7.41
CA VAL B 391 26.31 11.18 -7.80
C VAL B 391 25.75 10.46 -6.57
N TRP B 392 24.42 10.38 -6.48
CA TRP B 392 23.77 9.51 -5.52
C TRP B 392 23.69 8.13 -6.14
N LEU B 393 24.48 7.20 -5.60
CA LEU B 393 24.47 5.80 -6.01
C LEU B 393 24.33 4.95 -4.76
N ARG B 394 23.48 3.94 -4.83
CA ARG B 394 23.41 2.96 -3.76
C ARG B 394 23.57 1.55 -4.33
N PRO B 395 24.77 0.96 -4.14
CA PRO B 395 25.01 -0.42 -4.57
C PRO B 395 24.16 -1.41 -3.78
N PHE B 396 23.97 -2.59 -4.33
CA PHE B 396 23.22 -3.64 -3.66
C PHE B 396 23.94 -4.95 -3.89
N ARG B 397 24.23 -5.67 -2.80
CA ARG B 397 25.01 -6.91 -2.88
C ARG B 397 26.31 -6.64 -3.63
N ASN B 398 26.52 -7.37 -4.73
CA ASN B 398 27.72 -7.26 -5.54
C ASN B 398 27.51 -6.39 -6.81
N LEU B 399 26.44 -5.62 -6.82
CA LEU B 399 26.04 -4.88 -8.00
C LEU B 399 26.23 -3.39 -7.77
N VAL B 400 26.75 -2.71 -8.79
CA VAL B 400 26.79 -1.26 -8.85
C VAL B 400 25.96 -0.94 -10.07
N TYR B 401 24.87 -0.21 -9.90
CA TYR B 401 23.87 -0.08 -10.96
C TYR B 401 23.11 1.23 -10.92
N ALA B 402 22.50 1.61 -12.04
CA ALA B 402 21.72 2.85 -12.13
C ALA B 402 20.48 2.69 -13.00
N MET B 403 19.45 3.45 -12.67
CA MET B 403 18.25 3.57 -13.50
C MET B 403 17.96 5.06 -13.53
N PRO B 404 18.71 5.82 -14.33
CA PRO B 404 18.65 7.29 -14.29
C PRO B 404 17.33 7.83 -14.80
N PRO B 405 16.91 9.02 -14.32
CA PRO B 405 15.73 9.66 -14.89
C PRO B 405 15.88 9.79 -16.40
N TYR B 406 14.77 9.78 -17.13
CA TYR B 406 14.85 9.83 -18.58
C TYR B 406 15.35 11.20 -19.06
N ILE B 407 15.24 12.21 -18.19
CA ILE B 407 15.61 13.59 -18.54
C ILE B 407 17.12 13.89 -18.42
N CYS B 408 17.91 12.87 -18.07
CA CYS B 408 19.35 13.06 -17.93
C CYS B 408 19.96 13.39 -19.29
N THR B 409 20.79 14.43 -19.31
CA THR B 409 21.56 14.80 -20.49
C THR B 409 22.76 13.84 -20.68
N PRO B 410 23.41 13.86 -21.87
CA PRO B 410 24.60 13.03 -22.09
C PRO B 410 25.72 13.30 -21.07
N ALA B 411 25.89 14.55 -20.68
CA ALA B 411 26.92 14.90 -19.72
C ALA B 411 26.58 14.30 -18.36
N GLU B 412 25.30 14.32 -18.01
CA GLU B 412 24.84 13.72 -16.75
C GLU B 412 25.08 12.21 -16.72
N ILE B 413 24.79 11.52 -17.83
CA ILE B 413 25.07 10.07 -17.92
C ILE B 413 26.57 9.76 -17.82
N THR B 414 27.37 10.56 -18.53
CA THR B 414 28.83 10.52 -18.43
C THR B 414 29.26 10.58 -16.97
N GLN B 415 28.71 11.55 -16.24
CA GLN B 415 28.97 11.73 -14.81
C GLN B 415 28.48 10.55 -13.97
N ILE B 416 27.31 9.99 -14.32
CA ILE B 416 26.80 8.82 -13.60
C ILE B 416 27.72 7.60 -13.79
N THR B 417 28.00 7.27 -15.06
CA THR B 417 28.84 6.12 -15.42
C THR B 417 30.27 6.24 -14.87
N SER B 418 30.85 7.44 -14.93
CA SER B 418 32.18 7.67 -14.37
CA SER B 418 32.18 7.67 -14.37
C SER B 418 32.20 7.30 -12.89
N ALA B 419 31.24 7.80 -12.12
CA ALA B 419 31.12 7.41 -10.71
C ALA B 419 30.97 5.87 -10.54
N MET B 420 30.14 5.24 -11.35
CA MET B 420 29.97 3.77 -11.29
C MET B 420 31.28 3.04 -11.56
N VAL B 421 31.92 3.34 -12.68
CA VAL B 421 33.25 2.78 -13.02
C VAL B 421 34.18 2.86 -11.81
N GLU B 422 34.28 4.06 -11.22
CA GLU B 422 35.13 4.29 -10.06
C GLU B 422 34.80 3.49 -8.82
N VAL B 423 33.50 3.37 -8.51
CA VAL B 423 33.09 2.55 -7.37
C VAL B 423 33.62 1.13 -7.60
N ALA B 424 33.46 0.66 -8.83
CA ALA B 424 33.91 -0.66 -9.24
C ALA B 424 35.42 -0.82 -9.09
N ARG B 425 36.19 0.20 -9.48
CA ARG B 425 37.64 0.19 -9.31
C ARG B 425 38.05 -0.02 -7.85
N LEU B 426 37.40 0.72 -6.94
CA LEU B 426 37.65 0.61 -5.51
C LEU B 426 37.32 -0.77 -4.92
N VAL B 427 36.43 -1.51 -5.59
CA VAL B 427 36.13 -2.89 -5.19
C VAL B 427 37.35 -3.80 -5.40
N GLY B 428 38.07 -3.60 -6.52
CA GLY B 428 39.39 -4.21 -6.72
C GLY B 428 40.27 -3.97 -5.50
N SER B 429 40.58 -2.71 -5.23
CA SER B 429 41.16 -2.25 -3.95
C SER B 429 41.20 -0.73 -3.90
N1 PLP C . -7.50 -2.59 9.48
C2 PLP C . -8.52 -1.85 9.98
C2A PLP C . -8.98 -1.99 11.41
C3 PLP C . -9.22 -0.89 9.12
O3 PLP C . -10.24 -0.16 9.62
C4 PLP C . -8.74 -0.77 7.72
C4A PLP C . -9.36 0.19 6.76
C5 PLP C . -7.61 -1.63 7.28
C6 PLP C . -7.06 -2.52 8.21
C5A PLP C . -7.08 -1.61 5.85
O4P PLP C . -6.56 -0.37 5.39
P PLP C . -6.34 -0.18 3.80
O1P PLP C . -5.52 -1.39 3.38
O2P PLP C . -5.60 1.13 3.78
O3P PLP C . -7.73 -0.17 3.22
CAB 3GS D . -17.63 -1.21 -0.99
OAN 3GS D . -16.36 -1.11 -0.32
CAP 3GS D . -16.36 -1.56 0.97
OAD 3GS D . -17.40 -1.75 1.59
CAU 3GS D . -15.17 -1.63 1.61
CAT 3GS D . -14.74 -2.61 2.47
CAO 3GS D . -15.37 -3.79 2.82
OAC 3GS D . -16.28 -4.29 2.15
OAM 3GS D . -14.84 -4.47 3.89
CAA 3GS D . -15.17 -5.89 3.91
CAS 3GS D . -13.52 -2.28 2.91
CAK 3GS D . -12.53 -2.74 3.73
SAX 3GS D . -11.87 -1.14 4.55
OAE 3GS D . -10.42 -1.44 4.72
CAL 3GS D . -11.84 -0.55 2.74
NAW 3GS D . -13.18 -1.08 2.33
CAV 3GS D . -14.20 -0.70 1.56
CAR 3GS D . -14.08 0.45 0.87
CAJ 3GS D . -15.10 1.39 0.77
CAQ 3GS D . -14.88 2.57 0.06
FAF 3GS D . -15.85 3.43 -0.02
CAH 3GS D . -13.66 2.83 -0.57
CAG 3GS D . -12.63 1.89 -0.49
CAI 3GS D . -12.86 0.72 0.23
C1 PEG E . -18.59 2.18 24.27
O1 PEG E . -18.52 0.77 24.50
C2 PEG E . -17.17 2.74 24.36
O2 PEG E . -17.16 3.84 25.29
C3 PEG E . -15.85 4.38 25.46
C4 PEG E . -15.45 4.32 26.93
O4 PEG E . -15.85 5.52 27.60
N1 PLP F . 7.23 -6.29 -7.95
C2 PLP F . 8.28 -5.81 -8.66
C2A PLP F . 8.79 -6.47 -9.93
C3 PLP F . 8.96 -4.61 -8.16
O3 PLP F . 10.00 -4.05 -8.83
C4 PLP F . 8.44 -3.97 -6.93
C4A PLP F . 9.10 -2.73 -6.43
C5 PLP F . 7.28 -4.60 -6.24
C6 PLP F . 6.75 -5.75 -6.81
C5A PLP F . 6.70 -4.06 -4.95
O4P PLP F . 6.38 -2.68 -4.99
P PLP F . 6.24 -1.85 -3.62
O1P PLP F . 7.69 -1.73 -3.16
O2P PLP F . 5.38 -2.72 -2.72
O3P PLP F . 5.59 -0.54 -4.00
CAB 3GS G . 17.45 -0.64 0.96
OAN 3GS G . 16.16 -1.24 0.70
CAP 3GS G . 16.15 -2.08 -0.38
OAD 3GS G . 17.17 -2.52 -0.90
CAU 3GS G . 14.95 -2.33 -0.95
CAT 3GS G . 14.52 -3.55 -1.36
CAO 3GS G . 15.12 -4.78 -1.23
OAC 3GS G . 16.05 -4.98 -0.44
OAM 3GS G . 14.55 -5.81 -1.93
CAA 3GS G . 14.80 -7.10 -1.36
CAS 3GS G . 13.30 -3.40 -1.92
CAK 3GS G . 12.34 -4.16 -2.50
SAX 3GS G . 11.58 -3.03 -3.87
OAE 3GS G . 10.13 -3.33 -3.78
CAL 3GS G . 11.64 -1.74 -2.45
NAW 3GS G . 12.99 -2.08 -1.86
CAV 3GS G . 13.99 -1.43 -1.28
CAR 3GS G . 13.87 -0.10 -1.11
CAJ 3GS G . 14.90 0.82 -1.35
CAQ 3GS G . 14.67 2.18 -1.18
FAF 3GS G . 15.72 3.04 -1.42
CAH 3GS G . 13.44 2.68 -0.77
CAG 3GS G . 12.40 1.80 -0.52
CAI 3GS G . 12.64 0.42 -0.69
C1 EDO H . 10.84 -12.78 -11.50
O1 EDO H . 11.02 -12.64 -12.89
C2 EDO H . 9.95 -14.00 -11.26
O2 EDO H . 9.84 -14.28 -9.87
CL CL I . 22.68 21.43 -11.37
C1 EDO J . 16.81 -6.55 -25.08
O1 EDO J . 15.85 -6.34 -26.12
C2 EDO J . 16.21 -7.50 -24.04
O2 EDO J . 17.22 -8.25 -23.35
C1 EDO K . 5.30 10.92 -30.23
O1 EDO K . 4.23 11.42 -29.42
C2 EDO K . 6.38 11.99 -30.36
O2 EDO K . 7.54 11.41 -31.00
C1 EDO L . -0.22 -28.98 -25.50
O1 EDO L . 0.56 -29.58 -24.48
C2 EDO L . -1.68 -29.23 -25.19
O2 EDO L . -2.33 -29.43 -26.45
#